data_1B0X
# 
_entry.id   1B0X 
# 
_audit_conform.dict_name       mmcif_pdbx.dic 
_audit_conform.dict_version    5.383 
_audit_conform.dict_location   http://mmcif.pdb.org/dictionaries/ascii/mmcif_pdbx.dic 
# 
loop_
_database_2.database_id 
_database_2.database_code 
_database_2.pdbx_database_accession 
_database_2.pdbx_DOI 
PDB   1B0X         pdb_00001b0x 10.2210/pdb1b0x/pdb 
RCSB  RCSB000092   ?            ?                   
WWPDB D_1000000092 ?            ?                   
# 
loop_
_pdbx_audit_revision_history.ordinal 
_pdbx_audit_revision_history.data_content_type 
_pdbx_audit_revision_history.major_revision 
_pdbx_audit_revision_history.minor_revision 
_pdbx_audit_revision_history.revision_date 
1 'Structure model' 1 0 1999-05-03 
2 'Structure model' 1 1 2008-04-26 
3 'Structure model' 1 2 2011-07-13 
4 'Structure model' 1 3 2023-12-27 
# 
_pdbx_audit_revision_details.ordinal             1 
_pdbx_audit_revision_details.revision_ordinal    1 
_pdbx_audit_revision_details.data_content_type   'Structure model' 
_pdbx_audit_revision_details.provider            repository 
_pdbx_audit_revision_details.type                'Initial release' 
_pdbx_audit_revision_details.description         ? 
_pdbx_audit_revision_details.details             ? 
# 
loop_
_pdbx_audit_revision_group.ordinal 
_pdbx_audit_revision_group.revision_ordinal 
_pdbx_audit_revision_group.data_content_type 
_pdbx_audit_revision_group.group 
1 2 'Structure model' 'Version format compliance' 
2 3 'Structure model' 'Version format compliance' 
3 4 'Structure model' 'Data collection'           
4 4 'Structure model' 'Database references'       
# 
loop_
_pdbx_audit_revision_category.ordinal 
_pdbx_audit_revision_category.revision_ordinal 
_pdbx_audit_revision_category.data_content_type 
_pdbx_audit_revision_category.category 
1 4 'Structure model' chem_comp_atom     
2 4 'Structure model' chem_comp_bond     
3 4 'Structure model' database_2         
4 4 'Structure model' struct_ref_seq_dif 
# 
loop_
_pdbx_audit_revision_item.ordinal 
_pdbx_audit_revision_item.revision_ordinal 
_pdbx_audit_revision_item.data_content_type 
_pdbx_audit_revision_item.item 
1 4 'Structure model' '_database_2.pdbx_DOI'                
2 4 'Structure model' '_database_2.pdbx_database_accession' 
3 4 'Structure model' '_struct_ref_seq_dif.details'         
# 
_pdbx_database_status.status_code                     REL 
_pdbx_database_status.entry_id                        1B0X 
_pdbx_database_status.recvd_initial_deposition_date   1998-11-14 
_pdbx_database_status.deposit_site                    BNL 
_pdbx_database_status.process_site                    RCSB 
_pdbx_database_status.SG_entry                        . 
_pdbx_database_status.pdb_format_compatible           Y 
_pdbx_database_status.status_code_mr                  ? 
_pdbx_database_status.status_code_sf                  ? 
_pdbx_database_status.status_code_cs                  ? 
_pdbx_database_status.status_code_nmr_data            ? 
_pdbx_database_status.methods_development_category    ? 
# 
loop_
_audit_author.name 
_audit_author.pdbx_ordinal 
'Stapleton, D.' 1 
'Balan, I.'     2 
'Pawson, T.'    3 
'Sicheri, F.'   4 
# 
_citation.id                        primary 
_citation.title                     
'The crystal structure of an Eph receptor SAM domain reveals a mechanism for modular dimerization.' 
_citation.journal_abbrev            Nat.Struct.Biol. 
_citation.journal_volume            6 
_citation.page_first                44 
_citation.page_last                 49 
_citation.year                      1999 
_citation.journal_id_ASTM           NSBIEW 
_citation.country                   US 
_citation.journal_id_ISSN           1072-8368 
_citation.journal_id_CSD            2024 
_citation.book_publisher            ? 
_citation.pdbx_database_id_PubMed   9886291 
_citation.pdbx_database_id_DOI      10.1038/4917 
# 
loop_
_citation_author.citation_id 
_citation_author.name 
_citation_author.ordinal 
_citation_author.identifier_ORCID 
primary 'Stapleton, D.' 1 ? 
primary 'Balan, I.'     2 ? 
primary 'Pawson, T.'    3 ? 
primary 'Sicheri, F.'   4 ? 
# 
loop_
_entity.id 
_entity.type 
_entity.src_method 
_entity.pdbx_description 
_entity.formula_weight 
_entity.pdbx_number_of_molecules 
_entity.pdbx_ec 
_entity.pdbx_mutation 
_entity.pdbx_fragment 
_entity.details 
1 polymer man 'PROTEIN (EPHA4 RECEPTOR TYROSINE KINASE)' 10265.485 1  ? ? 'SAM DOMAIN' ? 
2 water   nat water                                      18.015    53 ? ? ?            ? 
# 
_entity_poly.entity_id                      1 
_entity_poly.type                           'polypeptide(L)' 
_entity_poly.nstd_linkage                   no 
_entity_poly.nstd_monomer                   no 
_entity_poly.pdbx_seq_one_letter_code       
;GSRTGSESSRPNTALLDPSSPEFSAVVSVGDWLQAIKMDRYKDNFTAAGYTTLEAVVHMSQDDLARIGITAITHQNKILS
SVQAMRTQMQQMHG
;
_entity_poly.pdbx_seq_one_letter_code_can   
;GSRTGSESSRPNTALLDPSSPEFSAVVSVGDWLQAIKMDRYKDNFTAAGYTTLEAVVHMSQDDLARIGITAITHQNKILS
SVQAMRTQMQQMHG
;
_entity_poly.pdbx_strand_id                 A 
_entity_poly.pdbx_target_identifier         ? 
# 
_pdbx_entity_nonpoly.entity_id   2 
_pdbx_entity_nonpoly.name        water 
_pdbx_entity_nonpoly.comp_id     HOH 
# 
loop_
_entity_poly_seq.entity_id 
_entity_poly_seq.num 
_entity_poly_seq.mon_id 
_entity_poly_seq.hetero 
1 1  GLY n 
1 2  SER n 
1 3  ARG n 
1 4  THR n 
1 5  GLY n 
1 6  SER n 
1 7  GLU n 
1 8  SER n 
1 9  SER n 
1 10 ARG n 
1 11 PRO n 
1 12 ASN n 
1 13 THR n 
1 14 ALA n 
1 15 LEU n 
1 16 LEU n 
1 17 ASP n 
1 18 PRO n 
1 19 SER n 
1 20 SER n 
1 21 PRO n 
1 22 GLU n 
1 23 PHE n 
1 24 SER n 
1 25 ALA n 
1 26 VAL n 
1 27 VAL n 
1 28 SER n 
1 29 VAL n 
1 30 GLY n 
1 31 ASP n 
1 32 TRP n 
1 33 LEU n 
1 34 GLN n 
1 35 ALA n 
1 36 ILE n 
1 37 LYS n 
1 38 MET n 
1 39 ASP n 
1 40 ARG n 
1 41 TYR n 
1 42 LYS n 
1 43 ASP n 
1 44 ASN n 
1 45 PHE n 
1 46 THR n 
1 47 ALA n 
1 48 ALA n 
1 49 GLY n 
1 50 TYR n 
1 51 THR n 
1 52 THR n 
1 53 LEU n 
1 54 GLU n 
1 55 ALA n 
1 56 VAL n 
1 57 VAL n 
1 58 HIS n 
1 59 MET n 
1 60 SER n 
1 61 GLN n 
1 62 ASP n 
1 63 ASP n 
1 64 LEU n 
1 65 ALA n 
1 66 ARG n 
1 67 ILE n 
1 68 GLY n 
1 69 ILE n 
1 70 THR n 
1 71 ALA n 
1 72 ILE n 
1 73 THR n 
1 74 HIS n 
1 75 GLN n 
1 76 ASN n 
1 77 LYS n 
1 78 ILE n 
1 79 LEU n 
1 80 SER n 
1 81 SER n 
1 82 VAL n 
1 83 GLN n 
1 84 ALA n 
1 85 MET n 
1 86 ARG n 
1 87 THR n 
1 88 GLN n 
1 89 MET n 
1 90 GLN n 
1 91 GLN n 
1 92 MET n 
1 93 HIS n 
1 94 GLY n 
# 
_entity_src_gen.entity_id                          1 
_entity_src_gen.pdbx_src_id                        1 
_entity_src_gen.pdbx_alt_source_flag               sample 
_entity_src_gen.pdbx_seq_type                      ? 
_entity_src_gen.pdbx_beg_seq_num                   ? 
_entity_src_gen.pdbx_end_seq_num                   ? 
_entity_src_gen.gene_src_common_name               'house mouse' 
_entity_src_gen.gene_src_genus                     Mus 
_entity_src_gen.pdbx_gene_src_gene                 ? 
_entity_src_gen.gene_src_species                   ? 
_entity_src_gen.gene_src_strain                    BL21 
_entity_src_gen.gene_src_tissue                    ? 
_entity_src_gen.gene_src_tissue_fraction           ? 
_entity_src_gen.gene_src_details                   ? 
_entity_src_gen.pdbx_gene_src_fragment             ? 
_entity_src_gen.pdbx_gene_src_scientific_name      'Mus musculus' 
_entity_src_gen.pdbx_gene_src_ncbi_taxonomy_id     10090 
_entity_src_gen.pdbx_gene_src_variant              ? 
_entity_src_gen.pdbx_gene_src_cell_line            ? 
_entity_src_gen.pdbx_gene_src_atcc                 ? 
_entity_src_gen.pdbx_gene_src_organ                ? 
_entity_src_gen.pdbx_gene_src_organelle            ? 
_entity_src_gen.pdbx_gene_src_cell                 ? 
_entity_src_gen.pdbx_gene_src_cellular_location    ? 
_entity_src_gen.host_org_common_name               ? 
_entity_src_gen.pdbx_host_org_scientific_name      'Escherichia coli' 
_entity_src_gen.pdbx_host_org_ncbi_taxonomy_id     562 
_entity_src_gen.host_org_genus                     Escherichia 
_entity_src_gen.pdbx_host_org_gene                 ? 
_entity_src_gen.pdbx_host_org_organ                ? 
_entity_src_gen.host_org_species                   ? 
_entity_src_gen.pdbx_host_org_tissue               ? 
_entity_src_gen.pdbx_host_org_tissue_fraction      ? 
_entity_src_gen.pdbx_host_org_strain               ? 
_entity_src_gen.pdbx_host_org_variant              ? 
_entity_src_gen.pdbx_host_org_cell_line            ? 
_entity_src_gen.pdbx_host_org_atcc                 ? 
_entity_src_gen.pdbx_host_org_culture_collection   ? 
_entity_src_gen.pdbx_host_org_cell                 ? 
_entity_src_gen.pdbx_host_org_organelle            ? 
_entity_src_gen.pdbx_host_org_cellular_location    ? 
_entity_src_gen.pdbx_host_org_vector_type          ? 
_entity_src_gen.pdbx_host_org_vector               ? 
_entity_src_gen.host_org_details                   ? 
_entity_src_gen.expression_system_id               ? 
_entity_src_gen.plasmid_name                       pGEX-2T 
_entity_src_gen.plasmid_details                    ? 
_entity_src_gen.pdbx_description                   ? 
# 
loop_
_chem_comp.id 
_chem_comp.type 
_chem_comp.mon_nstd_flag 
_chem_comp.name 
_chem_comp.pdbx_synonyms 
_chem_comp.formula 
_chem_comp.formula_weight 
ALA 'L-peptide linking' y ALANINE         ? 'C3 H7 N O2'     89.093  
ARG 'L-peptide linking' y ARGININE        ? 'C6 H15 N4 O2 1' 175.209 
ASN 'L-peptide linking' y ASPARAGINE      ? 'C4 H8 N2 O3'    132.118 
ASP 'L-peptide linking' y 'ASPARTIC ACID' ? 'C4 H7 N O4'     133.103 
GLN 'L-peptide linking' y GLUTAMINE       ? 'C5 H10 N2 O3'   146.144 
GLU 'L-peptide linking' y 'GLUTAMIC ACID' ? 'C5 H9 N O4'     147.129 
GLY 'peptide linking'   y GLYCINE         ? 'C2 H5 N O2'     75.067  
HIS 'L-peptide linking' y HISTIDINE       ? 'C6 H10 N3 O2 1' 156.162 
HOH non-polymer         . WATER           ? 'H2 O'           18.015  
ILE 'L-peptide linking' y ISOLEUCINE      ? 'C6 H13 N O2'    131.173 
LEU 'L-peptide linking' y LEUCINE         ? 'C6 H13 N O2'    131.173 
LYS 'L-peptide linking' y LYSINE          ? 'C6 H15 N2 O2 1' 147.195 
MET 'L-peptide linking' y METHIONINE      ? 'C5 H11 N O2 S'  149.211 
PHE 'L-peptide linking' y PHENYLALANINE   ? 'C9 H11 N O2'    165.189 
PRO 'L-peptide linking' y PROLINE         ? 'C5 H9 N O2'     115.130 
SER 'L-peptide linking' y SERINE          ? 'C3 H7 N O3'     105.093 
THR 'L-peptide linking' y THREONINE       ? 'C4 H9 N O3'     119.119 
TRP 'L-peptide linking' y TRYPTOPHAN      ? 'C11 H12 N2 O2'  204.225 
TYR 'L-peptide linking' y TYROSINE        ? 'C9 H11 N O3'    181.189 
VAL 'L-peptide linking' y VALINE          ? 'C5 H11 N O2'    117.146 
# 
loop_
_pdbx_poly_seq_scheme.asym_id 
_pdbx_poly_seq_scheme.entity_id 
_pdbx_poly_seq_scheme.seq_id 
_pdbx_poly_seq_scheme.mon_id 
_pdbx_poly_seq_scheme.ndb_seq_num 
_pdbx_poly_seq_scheme.pdb_seq_num 
_pdbx_poly_seq_scheme.auth_seq_num 
_pdbx_poly_seq_scheme.pdb_mon_id 
_pdbx_poly_seq_scheme.auth_mon_id 
_pdbx_poly_seq_scheme.pdb_strand_id 
_pdbx_poly_seq_scheme.pdb_ins_code 
_pdbx_poly_seq_scheme.hetero 
A 1 1  GLY 1  888 ?   ?   ?   A . n 
A 1 2  SER 2  889 ?   ?   ?   A . n 
A 1 3  ARG 3  890 ?   ?   ?   A . n 
A 1 4  THR 4  891 ?   ?   ?   A . n 
A 1 5  GLY 5  892 ?   ?   ?   A . n 
A 1 6  SER 6  893 ?   ?   ?   A . n 
A 1 7  GLU 7  894 ?   ?   ?   A . n 
A 1 8  SER 8  895 ?   ?   ?   A . n 
A 1 9  SER 9  896 ?   ?   ?   A . n 
A 1 10 ARG 10 897 ?   ?   ?   A . n 
A 1 11 PRO 11 898 ?   ?   ?   A . n 
A 1 12 ASN 12 899 ?   ?   ?   A . n 
A 1 13 THR 13 900 ?   ?   ?   A . n 
A 1 14 ALA 14 901 ?   ?   ?   A . n 
A 1 15 LEU 15 902 ?   ?   ?   A . n 
A 1 16 LEU 16 903 ?   ?   ?   A . n 
A 1 17 ASP 17 904 ?   ?   ?   A . n 
A 1 18 PRO 18 905 ?   ?   ?   A . n 
A 1 19 SER 19 906 ?   ?   ?   A . n 
A 1 20 SER 20 907 ?   ?   ?   A . n 
A 1 21 PRO 21 908 ?   ?   ?   A . n 
A 1 22 GLU 22 909 ?   ?   ?   A . n 
A 1 23 PHE 23 910 910 PHE PHE A . n 
A 1 24 SER 24 911 911 SER SER A . n 
A 1 25 ALA 25 912 912 ALA ALA A . n 
A 1 26 VAL 26 913 913 VAL VAL A . n 
A 1 27 VAL 27 914 914 VAL VAL A . n 
A 1 28 SER 28 915 915 SER SER A . n 
A 1 29 VAL 29 916 916 VAL VAL A . n 
A 1 30 GLY 30 917 917 GLY GLY A . n 
A 1 31 ASP 31 918 918 ASP ASP A . n 
A 1 32 TRP 32 919 919 TRP TRP A . n 
A 1 33 LEU 33 920 920 LEU LEU A . n 
A 1 34 GLN 34 921 921 GLN GLN A . n 
A 1 35 ALA 35 922 922 ALA ALA A . n 
A 1 36 ILE 36 923 923 ILE ILE A . n 
A 1 37 LYS 37 924 924 LYS LYS A . n 
A 1 38 MET 38 925 925 MET MET A . n 
A 1 39 ASP 39 926 926 ASP ASP A . n 
A 1 40 ARG 40 927 927 ARG ARG A . n 
A 1 41 TYR 41 928 928 TYR TYR A . n 
A 1 42 LYS 42 929 929 LYS LYS A . n 
A 1 43 ASP 43 930 930 ASP ASP A . n 
A 1 44 ASN 44 931 931 ASN ASN A . n 
A 1 45 PHE 45 932 932 PHE PHE A . n 
A 1 46 THR 46 933 933 THR THR A . n 
A 1 47 ALA 47 934 934 ALA ALA A . n 
A 1 48 ALA 48 935 935 ALA ALA A . n 
A 1 49 GLY 49 936 936 GLY GLY A . n 
A 1 50 TYR 50 937 937 TYR TYR A . n 
A 1 51 THR 51 938 938 THR THR A . n 
A 1 52 THR 52 939 939 THR THR A . n 
A 1 53 LEU 53 940 940 LEU LEU A . n 
A 1 54 GLU 54 941 941 GLU GLU A . n 
A 1 55 ALA 55 942 942 ALA ALA A . n 
A 1 56 VAL 56 943 943 VAL VAL A . n 
A 1 57 VAL 57 944 944 VAL VAL A . n 
A 1 58 HIS 58 945 945 HIS HIS A . n 
A 1 59 MET 59 946 946 MET MET A . n 
A 1 60 SER 60 947 947 SER SER A . n 
A 1 61 GLN 61 948 948 GLN GLN A . n 
A 1 62 ASP 62 949 949 ASP ASP A . n 
A 1 63 ASP 63 950 950 ASP ASP A . n 
A 1 64 LEU 64 951 951 LEU LEU A . n 
A 1 65 ALA 65 952 952 ALA ALA A . n 
A 1 66 ARG 66 953 953 ARG ARG A . n 
A 1 67 ILE 67 954 954 ILE ILE A . n 
A 1 68 GLY 68 955 955 GLY GLY A . n 
A 1 69 ILE 69 956 956 ILE ILE A . n 
A 1 70 THR 70 957 957 THR THR A . n 
A 1 71 ALA 71 958 958 ALA ALA A . n 
A 1 72 ILE 72 959 959 ILE ILE A . n 
A 1 73 THR 73 960 960 THR THR A . n 
A 1 74 HIS 74 961 961 HIS HIS A . n 
A 1 75 GLN 75 962 962 GLN GLN A . n 
A 1 76 ASN 76 963 963 ASN ASN A . n 
A 1 77 LYS 77 964 964 LYS LYS A . n 
A 1 78 ILE 78 965 965 ILE ILE A . n 
A 1 79 LEU 79 966 966 LEU LEU A . n 
A 1 80 SER 80 967 967 SER SER A . n 
A 1 81 SER 81 968 968 SER SER A . n 
A 1 82 VAL 82 969 969 VAL VAL A . n 
A 1 83 GLN 83 970 970 GLN GLN A . n 
A 1 84 ALA 84 971 971 ALA ALA A . n 
A 1 85 MET 85 972 972 MET MET A . n 
A 1 86 ARG 86 973 973 ARG ARG A . n 
A 1 87 THR 87 974 974 THR THR A . n 
A 1 88 GLN 88 975 975 GLN GLN A . n 
A 1 89 MET 89 976 976 MET MET A . n 
A 1 90 GLN 90 977 977 GLN GLN A . n 
A 1 91 GLN 91 978 978 GLN GLN A . n 
A 1 92 MET 92 979 979 MET MET A . n 
A 1 93 HIS 93 980 980 HIS HIS A . n 
A 1 94 GLY 94 981 981 GLY GLY A . n 
# 
loop_
_pdbx_nonpoly_scheme.asym_id 
_pdbx_nonpoly_scheme.entity_id 
_pdbx_nonpoly_scheme.mon_id 
_pdbx_nonpoly_scheme.ndb_seq_num 
_pdbx_nonpoly_scheme.pdb_seq_num 
_pdbx_nonpoly_scheme.auth_seq_num 
_pdbx_nonpoly_scheme.pdb_mon_id 
_pdbx_nonpoly_scheme.auth_mon_id 
_pdbx_nonpoly_scheme.pdb_strand_id 
_pdbx_nonpoly_scheme.pdb_ins_code 
B 2 HOH 1  1  1  HOH HOH A . 
B 2 HOH 2  2  2  HOH HOH A . 
B 2 HOH 3  3  3  HOH HOH A . 
B 2 HOH 4  4  4  HOH HOH A . 
B 2 HOH 5  5  5  HOH HOH A . 
B 2 HOH 6  6  6  HOH HOH A . 
B 2 HOH 7  7  7  HOH HOH A . 
B 2 HOH 8  8  8  HOH HOH A . 
B 2 HOH 9  9  9  HOH HOH A . 
B 2 HOH 10 10 10 HOH HOH A . 
B 2 HOH 11 12 12 HOH HOH A . 
B 2 HOH 12 13 13 HOH HOH A . 
B 2 HOH 13 14 14 HOH HOH A . 
B 2 HOH 14 15 15 HOH HOH A . 
B 2 HOH 15 16 16 HOH HOH A . 
B 2 HOH 16 18 18 HOH HOH A . 
B 2 HOH 17 19 19 HOH HOH A . 
B 2 HOH 18 20 20 HOH HOH A . 
B 2 HOH 19 21 21 HOH HOH A . 
B 2 HOH 20 22 22 HOH HOH A . 
B 2 HOH 21 23 23 HOH HOH A . 
B 2 HOH 22 24 24 HOH HOH A . 
B 2 HOH 23 25 25 HOH HOH A . 
B 2 HOH 24 26 26 HOH HOH A . 
B 2 HOH 25 27 27 HOH HOH A . 
B 2 HOH 26 28 28 HOH HOH A . 
B 2 HOH 27 29 29 HOH HOH A . 
B 2 HOH 28 30 30 HOH HOH A . 
B 2 HOH 29 31 31 HOH HOH A . 
B 2 HOH 30 32 32 HOH HOH A . 
B 2 HOH 31 33 33 HOH HOH A . 
B 2 HOH 32 35 35 HOH HOH A . 
B 2 HOH 33 36 36 HOH HOH A . 
B 2 HOH 34 37 37 HOH HOH A . 
B 2 HOH 35 38 38 HOH HOH A . 
B 2 HOH 36 39 39 HOH HOH A . 
B 2 HOH 37 40 40 HOH HOH A . 
B 2 HOH 38 41 41 HOH HOH A . 
B 2 HOH 39 42 42 HOH HOH A . 
B 2 HOH 40 43 43 HOH HOH A . 
B 2 HOH 41 44 44 HOH HOH A . 
B 2 HOH 42 45 45 HOH HOH A . 
B 2 HOH 43 46 46 HOH HOH A . 
B 2 HOH 44 47 47 HOH HOH A . 
B 2 HOH 45 48 48 HOH HOH A . 
B 2 HOH 46 49 49 HOH HOH A . 
B 2 HOH 47 50 50 HOH HOH A . 
B 2 HOH 48 51 51 HOH HOH A . 
B 2 HOH 49 53 53 HOH HOH A . 
B 2 HOH 50 54 54 HOH HOH A . 
B 2 HOH 51 55 55 HOH HOH A . 
B 2 HOH 52 56 56 HOH HOH A . 
B 2 HOH 53 57 57 HOH HOH A . 
# 
loop_
_software.name 
_software.classification 
_software.version 
_software.citation_id 
_software.pdbx_ordinal 
X-PLOR    refinement       3.8 ? 1 
DENZO     'data reduction' .   ? 2 
SCALEPACK 'data scaling'   .   ? 3 
# 
_cell.entry_id           1B0X 
_cell.length_a           77.140 
_cell.length_b           77.140 
_cell.length_c           24.370 
_cell.angle_alpha        90.00 
_cell.angle_beta         90.00 
_cell.angle_gamma        120.00 
_cell.Z_PDB              6 
_cell.pdbx_unique_axis   ? 
# 
_symmetry.entry_id                         1B0X 
_symmetry.space_group_name_H-M             'P 64' 
_symmetry.pdbx_full_space_group_name_H-M   ? 
_symmetry.cell_setting                     ? 
_symmetry.Int_Tables_number                172 
# 
_exptl.entry_id          1B0X 
_exptl.method            'X-RAY DIFFRACTION' 
_exptl.crystals_number   ? 
# 
_exptl_crystal.id                    1 
_exptl_crystal.density_meas          ? 
_exptl_crystal.density_Matthews      2.04 
_exptl_crystal.density_percent_sol   39.66 
_exptl_crystal.description           ? 
# 
_exptl_crystal_grow.crystal_id      1 
_exptl_crystal_grow.method          ? 
_exptl_crystal_grow.temp            ? 
_exptl_crystal_grow.temp_details    ? 
_exptl_crystal_grow.pH              7.5 
_exptl_crystal_grow.pdbx_details    'pH 7.5' 
_exptl_crystal_grow.pdbx_pH_range   . 
# 
_diffrn.id                     1 
_diffrn.ambient_temp           90.0 
_diffrn.ambient_temp_details   ? 
_diffrn.crystal_id             1 
# 
_diffrn_detector.diffrn_id              1 
_diffrn_detector.detector               'IMAGE PLATE' 
_diffrn_detector.type                   RIGAKU 
_diffrn_detector.pdbx_collection_date   ? 
_diffrn_detector.details                'OSMIC MULTILAYER OPTICS' 
# 
_diffrn_radiation.diffrn_id                        1 
_diffrn_radiation.wavelength_id                    1 
_diffrn_radiation.pdbx_monochromatic_or_laue_m_l   M 
_diffrn_radiation.monochromator                    ? 
_diffrn_radiation.pdbx_diffrn_protocol             'SINGLE WAVELENGTH' 
_diffrn_radiation.pdbx_scattering_type             x-ray 
# 
_diffrn_radiation_wavelength.id           1 
_diffrn_radiation_wavelength.wavelength   1.5418 
_diffrn_radiation_wavelength.wt           1.0 
# 
_diffrn_source.diffrn_id                   1 
_diffrn_source.source                      'ROTATING ANODE' 
_diffrn_source.type                        'RIGAKU RU200' 
_diffrn_source.pdbx_synchrotron_site       ? 
_diffrn_source.pdbx_synchrotron_beamline   ? 
_diffrn_source.pdbx_wavelength             1.5418 
_diffrn_source.pdbx_wavelength_list        ? 
# 
_reflns.entry_id                     1B0X 
_reflns.observed_criterion_sigma_I   0.0 
_reflns.observed_criterion_sigma_F   ? 
_reflns.d_resolution_low             30.0 
_reflns.d_resolution_high            2.0 
_reflns.number_obs                   17787 
_reflns.number_all                   ? 
_reflns.percent_possible_obs         97.5 
_reflns.pdbx_Rmerge_I_obs            ? 
_reflns.pdbx_Rsym_value              0.040 
_reflns.pdbx_netI_over_sigmaI        ? 
_reflns.B_iso_Wilson_estimate        ? 
_reflns.pdbx_redundancy              3.1 
_reflns.R_free_details               ? 
_reflns.pdbx_diffrn_id               1 
_reflns.pdbx_ordinal                 1 
# 
_refine.entry_id                                 1B0X 
_refine.ls_number_reflns_obs                     5498 
_refine.ls_number_reflns_all                     ? 
_refine.pdbx_ls_sigma_I                          ? 
_refine.pdbx_ls_sigma_F                          0.0 
_refine.pdbx_data_cutoff_high_absF               ? 
_refine.pdbx_data_cutoff_low_absF                ? 
_refine.pdbx_data_cutoff_high_rms_absF           ? 
_refine.ls_d_res_low                             30.0 
_refine.ls_d_res_high                            2.0 
_refine.ls_percent_reflns_obs                    94.6 
_refine.ls_R_factor_obs                          ? 
_refine.ls_R_factor_all                          ? 
_refine.ls_R_factor_R_work                       0.2290000 
_refine.ls_R_factor_R_free                       0.2780000 
_refine.ls_R_factor_R_free_error                 ? 
_refine.ls_R_factor_R_free_error_details         ? 
_refine.ls_percent_reflns_R_free                 5 
_refine.ls_number_reflns_R_free                  ? 
_refine.ls_number_parameters                     ? 
_refine.ls_number_restraints                     ? 
_refine.occupancy_min                            ? 
_refine.occupancy_max                            ? 
_refine.B_iso_mean                               22.3 
_refine.aniso_B[1][1]                            ? 
_refine.aniso_B[2][2]                            ? 
_refine.aniso_B[3][3]                            ? 
_refine.aniso_B[1][2]                            ? 
_refine.aniso_B[1][3]                            ? 
_refine.aniso_B[2][3]                            ? 
_refine.solvent_model_details                    ? 
_refine.solvent_model_param_ksol                 ? 
_refine.solvent_model_param_bsol                 ? 
_refine.pdbx_ls_cross_valid_method               THROUGHOUT 
_refine.details                                  ? 
_refine.pdbx_starting_model                      ? 
_refine.pdbx_method_to_determine_struct          MIRAS 
_refine.pdbx_isotropic_thermal_model             ? 
_refine.pdbx_stereochemistry_target_values       ? 
_refine.pdbx_stereochem_target_val_spec_case     ? 
_refine.pdbx_R_Free_selection_details            RANDOM 
_refine.pdbx_overall_ESU_R                       ? 
_refine.pdbx_overall_ESU_R_Free                  ? 
_refine.overall_SU_ML                            ? 
_refine.overall_SU_B                             ? 
_refine.ls_redundancy_reflns_obs                 ? 
_refine.pdbx_refine_id                           'X-RAY DIFFRACTION' 
_refine.pdbx_diffrn_id                           1 
_refine.pdbx_TLS_residual_ADP_flag               ? 
_refine.correlation_coeff_Fo_to_Fc               ? 
_refine.correlation_coeff_Fo_to_Fc_free          ? 
_refine.pdbx_solvent_vdw_probe_radii             ? 
_refine.pdbx_solvent_ion_probe_radii             ? 
_refine.pdbx_solvent_shrinkage_radii             ? 
_refine.pdbx_overall_phase_error                 ? 
_refine.overall_SU_R_Cruickshank_DPI             ? 
_refine.pdbx_overall_SU_R_free_Cruickshank_DPI   ? 
_refine.pdbx_overall_SU_R_Blow_DPI               ? 
_refine.pdbx_overall_SU_R_free_Blow_DPI          ? 
# 
_refine_hist.pdbx_refine_id                   'X-RAY DIFFRACTION' 
_refine_hist.cycle_id                         LAST 
_refine_hist.pdbx_number_atoms_protein        695 
_refine_hist.pdbx_number_atoms_nucleic_acid   0 
_refine_hist.pdbx_number_atoms_ligand         0 
_refine_hist.number_atoms_solvent             53 
_refine_hist.number_atoms_total               748 
_refine_hist.d_res_high                       2.0 
_refine_hist.d_res_low                        30.0 
# 
loop_
_refine_ls_restr.type 
_refine_ls_restr.dev_ideal 
_refine_ls_restr.dev_ideal_target 
_refine_ls_restr.weight 
_refine_ls_restr.number 
_refine_ls_restr.pdbx_refine_id 
_refine_ls_restr.pdbx_restraint_function 
x_bond_d                .01  ? ? ? 'X-RAY DIFFRACTION' ? 
x_bond_d_na             ?    ? ? ? 'X-RAY DIFFRACTION' ? 
x_bond_d_prot           ?    ? ? ? 'X-RAY DIFFRACTION' ? 
x_angle_d               ?    ? ? ? 'X-RAY DIFFRACTION' ? 
x_angle_d_na            ?    ? ? ? 'X-RAY DIFFRACTION' ? 
x_angle_d_prot          ?    ? ? ? 'X-RAY DIFFRACTION' ? 
x_angle_deg             1.38 ? ? ? 'X-RAY DIFFRACTION' ? 
x_angle_deg_na          ?    ? ? ? 'X-RAY DIFFRACTION' ? 
x_angle_deg_prot        ?    ? ? ? 'X-RAY DIFFRACTION' ? 
x_dihedral_angle_d      ?    ? ? ? 'X-RAY DIFFRACTION' ? 
x_dihedral_angle_d_na   ?    ? ? ? 'X-RAY DIFFRACTION' ? 
x_dihedral_angle_d_prot ?    ? ? ? 'X-RAY DIFFRACTION' ? 
x_improper_angle_d      ?    ? ? ? 'X-RAY DIFFRACTION' ? 
x_improper_angle_d_na   ?    ? ? ? 'X-RAY DIFFRACTION' ? 
x_improper_angle_d_prot ?    ? ? ? 'X-RAY DIFFRACTION' ? 
x_mcbond_it             ?    ? ? ? 'X-RAY DIFFRACTION' ? 
x_mcangle_it            ?    ? ? ? 'X-RAY DIFFRACTION' ? 
x_scbond_it             ?    ? ? ? 'X-RAY DIFFRACTION' ? 
x_scangle_it            ?    ? ? ? 'X-RAY DIFFRACTION' ? 
# 
_pdbx_xplor_file.serial_no        1 
_pdbx_xplor_file.param_file       PARHCSDX.PRO 
_pdbx_xplor_file.topol_file       TOPHCSDX.PRO 
_pdbx_xplor_file.pdbx_refine_id   'X-RAY DIFFRACTION' 
# 
_struct.entry_id                  1B0X 
_struct.title                     
'THE CRYSTAL STRUCTURE OF AN EPH RECEPTOR SAM DOMAIN REVEALS A MECHANISM FOR MODULAR DIMERIZATION.' 
_struct.pdbx_model_details        ? 
_struct.pdbx_CASP_flag            ? 
_struct.pdbx_model_type_details   ? 
# 
_struct_keywords.entry_id        1B0X 
_struct_keywords.pdbx_keywords   TRANSFERASE 
_struct_keywords.text            'RECEPTOR TYROSINE KINASE, PROTEIN INTERACTION MODULE, DIMERIZATION DOMAIN, TRANSFERASE' 
# 
loop_
_struct_asym.id 
_struct_asym.pdbx_blank_PDB_chainid_flag 
_struct_asym.pdbx_modified 
_struct_asym.entity_id 
_struct_asym.details 
A N N 1 ? 
B N N 2 ? 
# 
_struct_ref.id                         1 
_struct_ref.db_name                    UNP 
_struct_ref.db_code                    EPHA4_MOUSE 
_struct_ref.entity_id                  1 
_struct_ref.pdbx_db_accession          Q03137 
_struct_ref.pdbx_db_isoform            ? 
_struct_ref.pdbx_seq_one_letter_code   ? 
_struct_ref.pdbx_align_begin           ? 
# 
_struct_ref_seq.align_id                      1 
_struct_ref_seq.ref_id                        1 
_struct_ref_seq.pdbx_PDB_id_code              1B0X 
_struct_ref_seq.pdbx_strand_id                A 
_struct_ref_seq.seq_align_beg                 1 
_struct_ref_seq.pdbx_seq_align_beg_ins_code   ? 
_struct_ref_seq.seq_align_end                 94 
_struct_ref_seq.pdbx_seq_align_end_ins_code   ? 
_struct_ref_seq.pdbx_db_accession             Q03137 
_struct_ref_seq.db_align_beg                  888 
_struct_ref_seq.pdbx_db_align_beg_ins_code    ? 
_struct_ref_seq.db_align_end                  981 
_struct_ref_seq.pdbx_db_align_end_ins_code    ? 
_struct_ref_seq.pdbx_auth_seq_align_beg       888 
_struct_ref_seq.pdbx_auth_seq_align_end       981 
# 
loop_
_struct_ref_seq_dif.align_id 
_struct_ref_seq_dif.pdbx_pdb_id_code 
_struct_ref_seq_dif.mon_id 
_struct_ref_seq_dif.pdbx_pdb_strand_id 
_struct_ref_seq_dif.seq_num 
_struct_ref_seq_dif.pdbx_pdb_ins_code 
_struct_ref_seq_dif.pdbx_seq_db_name 
_struct_ref_seq_dif.pdbx_seq_db_accession_code 
_struct_ref_seq_dif.db_mon_id 
_struct_ref_seq_dif.pdbx_seq_db_seq_num 
_struct_ref_seq_dif.details 
_struct_ref_seq_dif.pdbx_auth_seq_num 
_struct_ref_seq_dif.pdbx_ordinal 
1 1B0X GLY A 1 ? UNP Q03137 LEU 888 conflict 888 1 
1 1B0X SER A 2 ? UNP Q03137 LYS 889 conflict 889 2 
# 
_pdbx_struct_assembly.id                   1 
_pdbx_struct_assembly.details              author_defined_assembly 
_pdbx_struct_assembly.method_details       ? 
_pdbx_struct_assembly.oligomeric_details   dimeric 
_pdbx_struct_assembly.oligomeric_count     2 
# 
_pdbx_struct_assembly_gen.assembly_id       1 
_pdbx_struct_assembly_gen.oper_expression   1,2 
_pdbx_struct_assembly_gen.asym_id_list      A,B 
# 
loop_
_pdbx_struct_oper_list.id 
_pdbx_struct_oper_list.type 
_pdbx_struct_oper_list.name 
_pdbx_struct_oper_list.symmetry_operation 
_pdbx_struct_oper_list.matrix[1][1] 
_pdbx_struct_oper_list.matrix[1][2] 
_pdbx_struct_oper_list.matrix[1][3] 
_pdbx_struct_oper_list.vector[1] 
_pdbx_struct_oper_list.matrix[2][1] 
_pdbx_struct_oper_list.matrix[2][2] 
_pdbx_struct_oper_list.matrix[2][3] 
_pdbx_struct_oper_list.vector[2] 
_pdbx_struct_oper_list.matrix[3][1] 
_pdbx_struct_oper_list.matrix[3][2] 
_pdbx_struct_oper_list.matrix[3][3] 
_pdbx_struct_oper_list.vector[3] 
1 'identity operation'         1_555 x,y,z       1.0000000000  0.0000000000 0.0000000000  0.0000000000   0.0000000000 1.0000000000  0.0000000000  0.0000000000  0.0000000000  0.0000000000  1.0000000000  0.0000000000   
2 'crystal symmetry operation' 4_665 -x+1,-y+1,z -0.8473499824 0.3893919354 -0.3610705304 -18.3585072034 0.3893919354 -0.0067077504 -0.9210477332 -7.3499227745 -0.3610705304 -0.9210477332 -0.1459422671 -15.6878687791 
# 
_struct_biol.id   1 
# 
loop_
_struct_conf.conf_type_id 
_struct_conf.id 
_struct_conf.pdbx_PDB_helix_id 
_struct_conf.beg_label_comp_id 
_struct_conf.beg_label_asym_id 
_struct_conf.beg_label_seq_id 
_struct_conf.pdbx_beg_PDB_ins_code 
_struct_conf.end_label_comp_id 
_struct_conf.end_label_asym_id 
_struct_conf.end_label_seq_id 
_struct_conf.pdbx_end_PDB_ins_code 
_struct_conf.beg_auth_comp_id 
_struct_conf.beg_auth_asym_id 
_struct_conf.beg_auth_seq_id 
_struct_conf.end_auth_comp_id 
_struct_conf.end_auth_asym_id 
_struct_conf.end_auth_seq_id 
_struct_conf.pdbx_PDB_helix_class 
_struct_conf.details 
_struct_conf.pdbx_PDB_helix_length 
HELX_P HELX_P1 1 VAL A 29 ? ALA A 35 ? VAL A 916 ALA A 922 1 ? 7  
HELX_P HELX_P2 2 ASP A 39 ? ALA A 48 ? ASP A 926 ALA A 935 5 ? 10 
HELX_P HELX_P3 3 LEU A 53 ? HIS A 58 ? LEU A 940 HIS A 945 1 ? 6  
HELX_P HELX_P4 4 GLN A 61 ? ILE A 67 ? GLN A 948 ILE A 954 1 ? 7  
HELX_P HELX_P5 5 ILE A 72 ? GLN A 90 ? ILE A 959 GLN A 977 1 ? 19 
# 
_struct_conf_type.id          HELX_P 
_struct_conf_type.criteria    ? 
_struct_conf_type.reference   ? 
# 
_pdbx_validate_torsion.id              1 
_pdbx_validate_torsion.PDB_model_num   1 
_pdbx_validate_torsion.auth_comp_id    HIS 
_pdbx_validate_torsion.auth_asym_id    A 
_pdbx_validate_torsion.auth_seq_id     980 
_pdbx_validate_torsion.PDB_ins_code    ? 
_pdbx_validate_torsion.label_alt_id    ? 
_pdbx_validate_torsion.phi             -165.50 
_pdbx_validate_torsion.psi             63.06 
# 
loop_
_pdbx_unobs_or_zero_occ_residues.id 
_pdbx_unobs_or_zero_occ_residues.PDB_model_num 
_pdbx_unobs_or_zero_occ_residues.polymer_flag 
_pdbx_unobs_or_zero_occ_residues.occupancy_flag 
_pdbx_unobs_or_zero_occ_residues.auth_asym_id 
_pdbx_unobs_or_zero_occ_residues.auth_comp_id 
_pdbx_unobs_or_zero_occ_residues.auth_seq_id 
_pdbx_unobs_or_zero_occ_residues.PDB_ins_code 
_pdbx_unobs_or_zero_occ_residues.label_asym_id 
_pdbx_unobs_or_zero_occ_residues.label_comp_id 
_pdbx_unobs_or_zero_occ_residues.label_seq_id 
1  1 Y 1 A GLY 888 ? A GLY 1  
2  1 Y 1 A SER 889 ? A SER 2  
3  1 Y 1 A ARG 890 ? A ARG 3  
4  1 Y 1 A THR 891 ? A THR 4  
5  1 Y 1 A GLY 892 ? A GLY 5  
6  1 Y 1 A SER 893 ? A SER 6  
7  1 Y 1 A GLU 894 ? A GLU 7  
8  1 Y 1 A SER 895 ? A SER 8  
9  1 Y 1 A SER 896 ? A SER 9  
10 1 Y 1 A ARG 897 ? A ARG 10 
11 1 Y 1 A PRO 898 ? A PRO 11 
12 1 Y 1 A ASN 899 ? A ASN 12 
13 1 Y 1 A THR 900 ? A THR 13 
14 1 Y 1 A ALA 901 ? A ALA 14 
15 1 Y 1 A LEU 902 ? A LEU 15 
16 1 Y 1 A LEU 903 ? A LEU 16 
17 1 Y 1 A ASP 904 ? A ASP 17 
18 1 Y 1 A PRO 905 ? A PRO 18 
19 1 Y 1 A SER 906 ? A SER 19 
20 1 Y 1 A SER 907 ? A SER 20 
21 1 Y 1 A PRO 908 ? A PRO 21 
22 1 Y 1 A GLU 909 ? A GLU 22 
# 
loop_
_chem_comp_atom.comp_id 
_chem_comp_atom.atom_id 
_chem_comp_atom.type_symbol 
_chem_comp_atom.pdbx_aromatic_flag 
_chem_comp_atom.pdbx_stereo_config 
_chem_comp_atom.pdbx_ordinal 
ALA N    N N N 1   
ALA CA   C N S 2   
ALA C    C N N 3   
ALA O    O N N 4   
ALA CB   C N N 5   
ALA OXT  O N N 6   
ALA H    H N N 7   
ALA H2   H N N 8   
ALA HA   H N N 9   
ALA HB1  H N N 10  
ALA HB2  H N N 11  
ALA HB3  H N N 12  
ALA HXT  H N N 13  
ARG N    N N N 14  
ARG CA   C N S 15  
ARG C    C N N 16  
ARG O    O N N 17  
ARG CB   C N N 18  
ARG CG   C N N 19  
ARG CD   C N N 20  
ARG NE   N N N 21  
ARG CZ   C N N 22  
ARG NH1  N N N 23  
ARG NH2  N N N 24  
ARG OXT  O N N 25  
ARG H    H N N 26  
ARG H2   H N N 27  
ARG HA   H N N 28  
ARG HB2  H N N 29  
ARG HB3  H N N 30  
ARG HG2  H N N 31  
ARG HG3  H N N 32  
ARG HD2  H N N 33  
ARG HD3  H N N 34  
ARG HE   H N N 35  
ARG HH11 H N N 36  
ARG HH12 H N N 37  
ARG HH21 H N N 38  
ARG HH22 H N N 39  
ARG HXT  H N N 40  
ASN N    N N N 41  
ASN CA   C N S 42  
ASN C    C N N 43  
ASN O    O N N 44  
ASN CB   C N N 45  
ASN CG   C N N 46  
ASN OD1  O N N 47  
ASN ND2  N N N 48  
ASN OXT  O N N 49  
ASN H    H N N 50  
ASN H2   H N N 51  
ASN HA   H N N 52  
ASN HB2  H N N 53  
ASN HB3  H N N 54  
ASN HD21 H N N 55  
ASN HD22 H N N 56  
ASN HXT  H N N 57  
ASP N    N N N 58  
ASP CA   C N S 59  
ASP C    C N N 60  
ASP O    O N N 61  
ASP CB   C N N 62  
ASP CG   C N N 63  
ASP OD1  O N N 64  
ASP OD2  O N N 65  
ASP OXT  O N N 66  
ASP H    H N N 67  
ASP H2   H N N 68  
ASP HA   H N N 69  
ASP HB2  H N N 70  
ASP HB3  H N N 71  
ASP HD2  H N N 72  
ASP HXT  H N N 73  
GLN N    N N N 74  
GLN CA   C N S 75  
GLN C    C N N 76  
GLN O    O N N 77  
GLN CB   C N N 78  
GLN CG   C N N 79  
GLN CD   C N N 80  
GLN OE1  O N N 81  
GLN NE2  N N N 82  
GLN OXT  O N N 83  
GLN H    H N N 84  
GLN H2   H N N 85  
GLN HA   H N N 86  
GLN HB2  H N N 87  
GLN HB3  H N N 88  
GLN HG2  H N N 89  
GLN HG3  H N N 90  
GLN HE21 H N N 91  
GLN HE22 H N N 92  
GLN HXT  H N N 93  
GLU N    N N N 94  
GLU CA   C N S 95  
GLU C    C N N 96  
GLU O    O N N 97  
GLU CB   C N N 98  
GLU CG   C N N 99  
GLU CD   C N N 100 
GLU OE1  O N N 101 
GLU OE2  O N N 102 
GLU OXT  O N N 103 
GLU H    H N N 104 
GLU H2   H N N 105 
GLU HA   H N N 106 
GLU HB2  H N N 107 
GLU HB3  H N N 108 
GLU HG2  H N N 109 
GLU HG3  H N N 110 
GLU HE2  H N N 111 
GLU HXT  H N N 112 
GLY N    N N N 113 
GLY CA   C N N 114 
GLY C    C N N 115 
GLY O    O N N 116 
GLY OXT  O N N 117 
GLY H    H N N 118 
GLY H2   H N N 119 
GLY HA2  H N N 120 
GLY HA3  H N N 121 
GLY HXT  H N N 122 
HIS N    N N N 123 
HIS CA   C N S 124 
HIS C    C N N 125 
HIS O    O N N 126 
HIS CB   C N N 127 
HIS CG   C Y N 128 
HIS ND1  N Y N 129 
HIS CD2  C Y N 130 
HIS CE1  C Y N 131 
HIS NE2  N Y N 132 
HIS OXT  O N N 133 
HIS H    H N N 134 
HIS H2   H N N 135 
HIS HA   H N N 136 
HIS HB2  H N N 137 
HIS HB3  H N N 138 
HIS HD1  H N N 139 
HIS HD2  H N N 140 
HIS HE1  H N N 141 
HIS HE2  H N N 142 
HIS HXT  H N N 143 
HOH O    O N N 144 
HOH H1   H N N 145 
HOH H2   H N N 146 
ILE N    N N N 147 
ILE CA   C N S 148 
ILE C    C N N 149 
ILE O    O N N 150 
ILE CB   C N S 151 
ILE CG1  C N N 152 
ILE CG2  C N N 153 
ILE CD1  C N N 154 
ILE OXT  O N N 155 
ILE H    H N N 156 
ILE H2   H N N 157 
ILE HA   H N N 158 
ILE HB   H N N 159 
ILE HG12 H N N 160 
ILE HG13 H N N 161 
ILE HG21 H N N 162 
ILE HG22 H N N 163 
ILE HG23 H N N 164 
ILE HD11 H N N 165 
ILE HD12 H N N 166 
ILE HD13 H N N 167 
ILE HXT  H N N 168 
LEU N    N N N 169 
LEU CA   C N S 170 
LEU C    C N N 171 
LEU O    O N N 172 
LEU CB   C N N 173 
LEU CG   C N N 174 
LEU CD1  C N N 175 
LEU CD2  C N N 176 
LEU OXT  O N N 177 
LEU H    H N N 178 
LEU H2   H N N 179 
LEU HA   H N N 180 
LEU HB2  H N N 181 
LEU HB3  H N N 182 
LEU HG   H N N 183 
LEU HD11 H N N 184 
LEU HD12 H N N 185 
LEU HD13 H N N 186 
LEU HD21 H N N 187 
LEU HD22 H N N 188 
LEU HD23 H N N 189 
LEU HXT  H N N 190 
LYS N    N N N 191 
LYS CA   C N S 192 
LYS C    C N N 193 
LYS O    O N N 194 
LYS CB   C N N 195 
LYS CG   C N N 196 
LYS CD   C N N 197 
LYS CE   C N N 198 
LYS NZ   N N N 199 
LYS OXT  O N N 200 
LYS H    H N N 201 
LYS H2   H N N 202 
LYS HA   H N N 203 
LYS HB2  H N N 204 
LYS HB3  H N N 205 
LYS HG2  H N N 206 
LYS HG3  H N N 207 
LYS HD2  H N N 208 
LYS HD3  H N N 209 
LYS HE2  H N N 210 
LYS HE3  H N N 211 
LYS HZ1  H N N 212 
LYS HZ2  H N N 213 
LYS HZ3  H N N 214 
LYS HXT  H N N 215 
MET N    N N N 216 
MET CA   C N S 217 
MET C    C N N 218 
MET O    O N N 219 
MET CB   C N N 220 
MET CG   C N N 221 
MET SD   S N N 222 
MET CE   C N N 223 
MET OXT  O N N 224 
MET H    H N N 225 
MET H2   H N N 226 
MET HA   H N N 227 
MET HB2  H N N 228 
MET HB3  H N N 229 
MET HG2  H N N 230 
MET HG3  H N N 231 
MET HE1  H N N 232 
MET HE2  H N N 233 
MET HE3  H N N 234 
MET HXT  H N N 235 
PHE N    N N N 236 
PHE CA   C N S 237 
PHE C    C N N 238 
PHE O    O N N 239 
PHE CB   C N N 240 
PHE CG   C Y N 241 
PHE CD1  C Y N 242 
PHE CD2  C Y N 243 
PHE CE1  C Y N 244 
PHE CE2  C Y N 245 
PHE CZ   C Y N 246 
PHE OXT  O N N 247 
PHE H    H N N 248 
PHE H2   H N N 249 
PHE HA   H N N 250 
PHE HB2  H N N 251 
PHE HB3  H N N 252 
PHE HD1  H N N 253 
PHE HD2  H N N 254 
PHE HE1  H N N 255 
PHE HE2  H N N 256 
PHE HZ   H N N 257 
PHE HXT  H N N 258 
PRO N    N N N 259 
PRO CA   C N S 260 
PRO C    C N N 261 
PRO O    O N N 262 
PRO CB   C N N 263 
PRO CG   C N N 264 
PRO CD   C N N 265 
PRO OXT  O N N 266 
PRO H    H N N 267 
PRO HA   H N N 268 
PRO HB2  H N N 269 
PRO HB3  H N N 270 
PRO HG2  H N N 271 
PRO HG3  H N N 272 
PRO HD2  H N N 273 
PRO HD3  H N N 274 
PRO HXT  H N N 275 
SER N    N N N 276 
SER CA   C N S 277 
SER C    C N N 278 
SER O    O N N 279 
SER CB   C N N 280 
SER OG   O N N 281 
SER OXT  O N N 282 
SER H    H N N 283 
SER H2   H N N 284 
SER HA   H N N 285 
SER HB2  H N N 286 
SER HB3  H N N 287 
SER HG   H N N 288 
SER HXT  H N N 289 
THR N    N N N 290 
THR CA   C N S 291 
THR C    C N N 292 
THR O    O N N 293 
THR CB   C N R 294 
THR OG1  O N N 295 
THR CG2  C N N 296 
THR OXT  O N N 297 
THR H    H N N 298 
THR H2   H N N 299 
THR HA   H N N 300 
THR HB   H N N 301 
THR HG1  H N N 302 
THR HG21 H N N 303 
THR HG22 H N N 304 
THR HG23 H N N 305 
THR HXT  H N N 306 
TRP N    N N N 307 
TRP CA   C N S 308 
TRP C    C N N 309 
TRP O    O N N 310 
TRP CB   C N N 311 
TRP CG   C Y N 312 
TRP CD1  C Y N 313 
TRP CD2  C Y N 314 
TRP NE1  N Y N 315 
TRP CE2  C Y N 316 
TRP CE3  C Y N 317 
TRP CZ2  C Y N 318 
TRP CZ3  C Y N 319 
TRP CH2  C Y N 320 
TRP OXT  O N N 321 
TRP H    H N N 322 
TRP H2   H N N 323 
TRP HA   H N N 324 
TRP HB2  H N N 325 
TRP HB3  H N N 326 
TRP HD1  H N N 327 
TRP HE1  H N N 328 
TRP HE3  H N N 329 
TRP HZ2  H N N 330 
TRP HZ3  H N N 331 
TRP HH2  H N N 332 
TRP HXT  H N N 333 
TYR N    N N N 334 
TYR CA   C N S 335 
TYR C    C N N 336 
TYR O    O N N 337 
TYR CB   C N N 338 
TYR CG   C Y N 339 
TYR CD1  C Y N 340 
TYR CD2  C Y N 341 
TYR CE1  C Y N 342 
TYR CE2  C Y N 343 
TYR CZ   C Y N 344 
TYR OH   O N N 345 
TYR OXT  O N N 346 
TYR H    H N N 347 
TYR H2   H N N 348 
TYR HA   H N N 349 
TYR HB2  H N N 350 
TYR HB3  H N N 351 
TYR HD1  H N N 352 
TYR HD2  H N N 353 
TYR HE1  H N N 354 
TYR HE2  H N N 355 
TYR HH   H N N 356 
TYR HXT  H N N 357 
VAL N    N N N 358 
VAL CA   C N S 359 
VAL C    C N N 360 
VAL O    O N N 361 
VAL CB   C N N 362 
VAL CG1  C N N 363 
VAL CG2  C N N 364 
VAL OXT  O N N 365 
VAL H    H N N 366 
VAL H2   H N N 367 
VAL HA   H N N 368 
VAL HB   H N N 369 
VAL HG11 H N N 370 
VAL HG12 H N N 371 
VAL HG13 H N N 372 
VAL HG21 H N N 373 
VAL HG22 H N N 374 
VAL HG23 H N N 375 
VAL HXT  H N N 376 
# 
loop_
_chem_comp_bond.comp_id 
_chem_comp_bond.atom_id_1 
_chem_comp_bond.atom_id_2 
_chem_comp_bond.value_order 
_chem_comp_bond.pdbx_aromatic_flag 
_chem_comp_bond.pdbx_stereo_config 
_chem_comp_bond.pdbx_ordinal 
ALA N   CA   sing N N 1   
ALA N   H    sing N N 2   
ALA N   H2   sing N N 3   
ALA CA  C    sing N N 4   
ALA CA  CB   sing N N 5   
ALA CA  HA   sing N N 6   
ALA C   O    doub N N 7   
ALA C   OXT  sing N N 8   
ALA CB  HB1  sing N N 9   
ALA CB  HB2  sing N N 10  
ALA CB  HB3  sing N N 11  
ALA OXT HXT  sing N N 12  
ARG N   CA   sing N N 13  
ARG N   H    sing N N 14  
ARG N   H2   sing N N 15  
ARG CA  C    sing N N 16  
ARG CA  CB   sing N N 17  
ARG CA  HA   sing N N 18  
ARG C   O    doub N N 19  
ARG C   OXT  sing N N 20  
ARG CB  CG   sing N N 21  
ARG CB  HB2  sing N N 22  
ARG CB  HB3  sing N N 23  
ARG CG  CD   sing N N 24  
ARG CG  HG2  sing N N 25  
ARG CG  HG3  sing N N 26  
ARG CD  NE   sing N N 27  
ARG CD  HD2  sing N N 28  
ARG CD  HD3  sing N N 29  
ARG NE  CZ   sing N N 30  
ARG NE  HE   sing N N 31  
ARG CZ  NH1  sing N N 32  
ARG CZ  NH2  doub N N 33  
ARG NH1 HH11 sing N N 34  
ARG NH1 HH12 sing N N 35  
ARG NH2 HH21 sing N N 36  
ARG NH2 HH22 sing N N 37  
ARG OXT HXT  sing N N 38  
ASN N   CA   sing N N 39  
ASN N   H    sing N N 40  
ASN N   H2   sing N N 41  
ASN CA  C    sing N N 42  
ASN CA  CB   sing N N 43  
ASN CA  HA   sing N N 44  
ASN C   O    doub N N 45  
ASN C   OXT  sing N N 46  
ASN CB  CG   sing N N 47  
ASN CB  HB2  sing N N 48  
ASN CB  HB3  sing N N 49  
ASN CG  OD1  doub N N 50  
ASN CG  ND2  sing N N 51  
ASN ND2 HD21 sing N N 52  
ASN ND2 HD22 sing N N 53  
ASN OXT HXT  sing N N 54  
ASP N   CA   sing N N 55  
ASP N   H    sing N N 56  
ASP N   H2   sing N N 57  
ASP CA  C    sing N N 58  
ASP CA  CB   sing N N 59  
ASP CA  HA   sing N N 60  
ASP C   O    doub N N 61  
ASP C   OXT  sing N N 62  
ASP CB  CG   sing N N 63  
ASP CB  HB2  sing N N 64  
ASP CB  HB3  sing N N 65  
ASP CG  OD1  doub N N 66  
ASP CG  OD2  sing N N 67  
ASP OD2 HD2  sing N N 68  
ASP OXT HXT  sing N N 69  
GLN N   CA   sing N N 70  
GLN N   H    sing N N 71  
GLN N   H2   sing N N 72  
GLN CA  C    sing N N 73  
GLN CA  CB   sing N N 74  
GLN CA  HA   sing N N 75  
GLN C   O    doub N N 76  
GLN C   OXT  sing N N 77  
GLN CB  CG   sing N N 78  
GLN CB  HB2  sing N N 79  
GLN CB  HB3  sing N N 80  
GLN CG  CD   sing N N 81  
GLN CG  HG2  sing N N 82  
GLN CG  HG3  sing N N 83  
GLN CD  OE1  doub N N 84  
GLN CD  NE2  sing N N 85  
GLN NE2 HE21 sing N N 86  
GLN NE2 HE22 sing N N 87  
GLN OXT HXT  sing N N 88  
GLU N   CA   sing N N 89  
GLU N   H    sing N N 90  
GLU N   H2   sing N N 91  
GLU CA  C    sing N N 92  
GLU CA  CB   sing N N 93  
GLU CA  HA   sing N N 94  
GLU C   O    doub N N 95  
GLU C   OXT  sing N N 96  
GLU CB  CG   sing N N 97  
GLU CB  HB2  sing N N 98  
GLU CB  HB3  sing N N 99  
GLU CG  CD   sing N N 100 
GLU CG  HG2  sing N N 101 
GLU CG  HG3  sing N N 102 
GLU CD  OE1  doub N N 103 
GLU CD  OE2  sing N N 104 
GLU OE2 HE2  sing N N 105 
GLU OXT HXT  sing N N 106 
GLY N   CA   sing N N 107 
GLY N   H    sing N N 108 
GLY N   H2   sing N N 109 
GLY CA  C    sing N N 110 
GLY CA  HA2  sing N N 111 
GLY CA  HA3  sing N N 112 
GLY C   O    doub N N 113 
GLY C   OXT  sing N N 114 
GLY OXT HXT  sing N N 115 
HIS N   CA   sing N N 116 
HIS N   H    sing N N 117 
HIS N   H2   sing N N 118 
HIS CA  C    sing N N 119 
HIS CA  CB   sing N N 120 
HIS CA  HA   sing N N 121 
HIS C   O    doub N N 122 
HIS C   OXT  sing N N 123 
HIS CB  CG   sing N N 124 
HIS CB  HB2  sing N N 125 
HIS CB  HB3  sing N N 126 
HIS CG  ND1  sing Y N 127 
HIS CG  CD2  doub Y N 128 
HIS ND1 CE1  doub Y N 129 
HIS ND1 HD1  sing N N 130 
HIS CD2 NE2  sing Y N 131 
HIS CD2 HD2  sing N N 132 
HIS CE1 NE2  sing Y N 133 
HIS CE1 HE1  sing N N 134 
HIS NE2 HE2  sing N N 135 
HIS OXT HXT  sing N N 136 
HOH O   H1   sing N N 137 
HOH O   H2   sing N N 138 
ILE N   CA   sing N N 139 
ILE N   H    sing N N 140 
ILE N   H2   sing N N 141 
ILE CA  C    sing N N 142 
ILE CA  CB   sing N N 143 
ILE CA  HA   sing N N 144 
ILE C   O    doub N N 145 
ILE C   OXT  sing N N 146 
ILE CB  CG1  sing N N 147 
ILE CB  CG2  sing N N 148 
ILE CB  HB   sing N N 149 
ILE CG1 CD1  sing N N 150 
ILE CG1 HG12 sing N N 151 
ILE CG1 HG13 sing N N 152 
ILE CG2 HG21 sing N N 153 
ILE CG2 HG22 sing N N 154 
ILE CG2 HG23 sing N N 155 
ILE CD1 HD11 sing N N 156 
ILE CD1 HD12 sing N N 157 
ILE CD1 HD13 sing N N 158 
ILE OXT HXT  sing N N 159 
LEU N   CA   sing N N 160 
LEU N   H    sing N N 161 
LEU N   H2   sing N N 162 
LEU CA  C    sing N N 163 
LEU CA  CB   sing N N 164 
LEU CA  HA   sing N N 165 
LEU C   O    doub N N 166 
LEU C   OXT  sing N N 167 
LEU CB  CG   sing N N 168 
LEU CB  HB2  sing N N 169 
LEU CB  HB3  sing N N 170 
LEU CG  CD1  sing N N 171 
LEU CG  CD2  sing N N 172 
LEU CG  HG   sing N N 173 
LEU CD1 HD11 sing N N 174 
LEU CD1 HD12 sing N N 175 
LEU CD1 HD13 sing N N 176 
LEU CD2 HD21 sing N N 177 
LEU CD2 HD22 sing N N 178 
LEU CD2 HD23 sing N N 179 
LEU OXT HXT  sing N N 180 
LYS N   CA   sing N N 181 
LYS N   H    sing N N 182 
LYS N   H2   sing N N 183 
LYS CA  C    sing N N 184 
LYS CA  CB   sing N N 185 
LYS CA  HA   sing N N 186 
LYS C   O    doub N N 187 
LYS C   OXT  sing N N 188 
LYS CB  CG   sing N N 189 
LYS CB  HB2  sing N N 190 
LYS CB  HB3  sing N N 191 
LYS CG  CD   sing N N 192 
LYS CG  HG2  sing N N 193 
LYS CG  HG3  sing N N 194 
LYS CD  CE   sing N N 195 
LYS CD  HD2  sing N N 196 
LYS CD  HD3  sing N N 197 
LYS CE  NZ   sing N N 198 
LYS CE  HE2  sing N N 199 
LYS CE  HE3  sing N N 200 
LYS NZ  HZ1  sing N N 201 
LYS NZ  HZ2  sing N N 202 
LYS NZ  HZ3  sing N N 203 
LYS OXT HXT  sing N N 204 
MET N   CA   sing N N 205 
MET N   H    sing N N 206 
MET N   H2   sing N N 207 
MET CA  C    sing N N 208 
MET CA  CB   sing N N 209 
MET CA  HA   sing N N 210 
MET C   O    doub N N 211 
MET C   OXT  sing N N 212 
MET CB  CG   sing N N 213 
MET CB  HB2  sing N N 214 
MET CB  HB3  sing N N 215 
MET CG  SD   sing N N 216 
MET CG  HG2  sing N N 217 
MET CG  HG3  sing N N 218 
MET SD  CE   sing N N 219 
MET CE  HE1  sing N N 220 
MET CE  HE2  sing N N 221 
MET CE  HE3  sing N N 222 
MET OXT HXT  sing N N 223 
PHE N   CA   sing N N 224 
PHE N   H    sing N N 225 
PHE N   H2   sing N N 226 
PHE CA  C    sing N N 227 
PHE CA  CB   sing N N 228 
PHE CA  HA   sing N N 229 
PHE C   O    doub N N 230 
PHE C   OXT  sing N N 231 
PHE CB  CG   sing N N 232 
PHE CB  HB2  sing N N 233 
PHE CB  HB3  sing N N 234 
PHE CG  CD1  doub Y N 235 
PHE CG  CD2  sing Y N 236 
PHE CD1 CE1  sing Y N 237 
PHE CD1 HD1  sing N N 238 
PHE CD2 CE2  doub Y N 239 
PHE CD2 HD2  sing N N 240 
PHE CE1 CZ   doub Y N 241 
PHE CE1 HE1  sing N N 242 
PHE CE2 CZ   sing Y N 243 
PHE CE2 HE2  sing N N 244 
PHE CZ  HZ   sing N N 245 
PHE OXT HXT  sing N N 246 
PRO N   CA   sing N N 247 
PRO N   CD   sing N N 248 
PRO N   H    sing N N 249 
PRO CA  C    sing N N 250 
PRO CA  CB   sing N N 251 
PRO CA  HA   sing N N 252 
PRO C   O    doub N N 253 
PRO C   OXT  sing N N 254 
PRO CB  CG   sing N N 255 
PRO CB  HB2  sing N N 256 
PRO CB  HB3  sing N N 257 
PRO CG  CD   sing N N 258 
PRO CG  HG2  sing N N 259 
PRO CG  HG3  sing N N 260 
PRO CD  HD2  sing N N 261 
PRO CD  HD3  sing N N 262 
PRO OXT HXT  sing N N 263 
SER N   CA   sing N N 264 
SER N   H    sing N N 265 
SER N   H2   sing N N 266 
SER CA  C    sing N N 267 
SER CA  CB   sing N N 268 
SER CA  HA   sing N N 269 
SER C   O    doub N N 270 
SER C   OXT  sing N N 271 
SER CB  OG   sing N N 272 
SER CB  HB2  sing N N 273 
SER CB  HB3  sing N N 274 
SER OG  HG   sing N N 275 
SER OXT HXT  sing N N 276 
THR N   CA   sing N N 277 
THR N   H    sing N N 278 
THR N   H2   sing N N 279 
THR CA  C    sing N N 280 
THR CA  CB   sing N N 281 
THR CA  HA   sing N N 282 
THR C   O    doub N N 283 
THR C   OXT  sing N N 284 
THR CB  OG1  sing N N 285 
THR CB  CG2  sing N N 286 
THR CB  HB   sing N N 287 
THR OG1 HG1  sing N N 288 
THR CG2 HG21 sing N N 289 
THR CG2 HG22 sing N N 290 
THR CG2 HG23 sing N N 291 
THR OXT HXT  sing N N 292 
TRP N   CA   sing N N 293 
TRP N   H    sing N N 294 
TRP N   H2   sing N N 295 
TRP CA  C    sing N N 296 
TRP CA  CB   sing N N 297 
TRP CA  HA   sing N N 298 
TRP C   O    doub N N 299 
TRP C   OXT  sing N N 300 
TRP CB  CG   sing N N 301 
TRP CB  HB2  sing N N 302 
TRP CB  HB3  sing N N 303 
TRP CG  CD1  doub Y N 304 
TRP CG  CD2  sing Y N 305 
TRP CD1 NE1  sing Y N 306 
TRP CD1 HD1  sing N N 307 
TRP CD2 CE2  doub Y N 308 
TRP CD2 CE3  sing Y N 309 
TRP NE1 CE2  sing Y N 310 
TRP NE1 HE1  sing N N 311 
TRP CE2 CZ2  sing Y N 312 
TRP CE3 CZ3  doub Y N 313 
TRP CE3 HE3  sing N N 314 
TRP CZ2 CH2  doub Y N 315 
TRP CZ2 HZ2  sing N N 316 
TRP CZ3 CH2  sing Y N 317 
TRP CZ3 HZ3  sing N N 318 
TRP CH2 HH2  sing N N 319 
TRP OXT HXT  sing N N 320 
TYR N   CA   sing N N 321 
TYR N   H    sing N N 322 
TYR N   H2   sing N N 323 
TYR CA  C    sing N N 324 
TYR CA  CB   sing N N 325 
TYR CA  HA   sing N N 326 
TYR C   O    doub N N 327 
TYR C   OXT  sing N N 328 
TYR CB  CG   sing N N 329 
TYR CB  HB2  sing N N 330 
TYR CB  HB3  sing N N 331 
TYR CG  CD1  doub Y N 332 
TYR CG  CD2  sing Y N 333 
TYR CD1 CE1  sing Y N 334 
TYR CD1 HD1  sing N N 335 
TYR CD2 CE2  doub Y N 336 
TYR CD2 HD2  sing N N 337 
TYR CE1 CZ   doub Y N 338 
TYR CE1 HE1  sing N N 339 
TYR CE2 CZ   sing Y N 340 
TYR CE2 HE2  sing N N 341 
TYR CZ  OH   sing N N 342 
TYR OH  HH   sing N N 343 
TYR OXT HXT  sing N N 344 
VAL N   CA   sing N N 345 
VAL N   H    sing N N 346 
VAL N   H2   sing N N 347 
VAL CA  C    sing N N 348 
VAL CA  CB   sing N N 349 
VAL CA  HA   sing N N 350 
VAL C   O    doub N N 351 
VAL C   OXT  sing N N 352 
VAL CB  CG1  sing N N 353 
VAL CB  CG2  sing N N 354 
VAL CB  HB   sing N N 355 
VAL CG1 HG11 sing N N 356 
VAL CG1 HG12 sing N N 357 
VAL CG1 HG13 sing N N 358 
VAL CG2 HG21 sing N N 359 
VAL CG2 HG22 sing N N 360 
VAL CG2 HG23 sing N N 361 
VAL OXT HXT  sing N N 362 
# 
_atom_sites.entry_id                    1B0X 
_atom_sites.fract_transf_matrix[1][1]   -0.00450080 
_atom_sites.fract_transf_matrix[1][2]   -0.00871787 
_atom_sites.fract_transf_matrix[1][3]   -0.01130448 
_atom_sites.fract_transf_matrix[2][1]   -0.01408406 
_atom_sites.fract_transf_matrix[2][2]   0.00089302 
_atom_sites.fract_transf_matrix[2][3]   -0.00499127 
_atom_sites.fract_transf_matrix[3][1]   0.01133646 
_atom_sites.fract_transf_matrix[3][2]   0.02891794 
_atom_sites.fract_transf_matrix[3][3]   -0.02681467 
_atom_sites.fract_transf_vector[1]      0.337953 
_atom_sites.fract_transf_vector[2]      0.334853 
_atom_sites.fract_transf_vector[3]      0.372001 
# 
loop_
_atom_type.symbol 
C 
H 
N 
O 
S 
# 
loop_
_atom_site.group_PDB 
_atom_site.id 
_atom_site.type_symbol 
_atom_site.label_atom_id 
_atom_site.label_alt_id 
_atom_site.label_comp_id 
_atom_site.label_asym_id 
_atom_site.label_entity_id 
_atom_site.label_seq_id 
_atom_site.pdbx_PDB_ins_code 
_atom_site.Cartn_x 
_atom_site.Cartn_y 
_atom_site.Cartn_z 
_atom_site.occupancy 
_atom_site.B_iso_or_equiv 
_atom_site.pdbx_formal_charge 
_atom_site.auth_seq_id 
_atom_site.auth_comp_id 
_atom_site.auth_asym_id 
_atom_site.auth_atom_id 
_atom_site.pdbx_PDB_model_num 
ATOM   1   N N    . PHE A 1 23 ? -4.428  -9.573  -17.251 1.00 37.87 ? 910 PHE A N    1 
ATOM   2   C CA   . PHE A 1 23 ? -5.282  -8.436  -16.782 1.00 37.16 ? 910 PHE A CA   1 
ATOM   3   C C    . PHE A 1 23 ? -5.560  -8.512  -15.286 1.00 38.36 ? 910 PHE A C    1 
ATOM   4   O O    . PHE A 1 23 ? -5.905  -9.571  -14.763 1.00 39.23 ? 910 PHE A O    1 
ATOM   5   C CB   . PHE A 1 23 ? -6.615  -8.404  -17.543 1.00 34.97 ? 910 PHE A CB   1 
ATOM   6   C CG   . PHE A 1 23 ? -7.611  -7.411  -16.984 1.00 31.67 ? 910 PHE A CG   1 
ATOM   7   C CD1  . PHE A 1 23 ? -7.411  -6.038  -17.129 1.00 30.66 ? 910 PHE A CD1  1 
ATOM   8   C CD2  . PHE A 1 23 ? -8.743  -7.848  -16.300 1.00 31.49 ? 910 PHE A CD2  1 
ATOM   9   C CE1  . PHE A 1 23 ? -8.321  -5.119  -16.600 1.00 28.32 ? 910 PHE A CE1  1 
ATOM   10  C CE2  . PHE A 1 23 ? -9.659  -6.937  -15.767 1.00 28.34 ? 910 PHE A CE2  1 
ATOM   11  C CZ   . PHE A 1 23 ? -9.444  -5.571  -15.916 1.00 28.11 ? 910 PHE A CZ   1 
ATOM   12  H H    . PHE A 1 23 ? -3.536  -9.570  -16.727 1.00 10.00 ? 910 PHE A H    1 
ATOM   13  N N    . SER A 1 24 ? -5.432  -7.371  -14.618 1.00 37.36 ? 911 SER A N    1 
ATOM   14  C CA   . SER A 1 24 ? -5.686  -7.263  -13.188 1.00 36.43 ? 911 SER A CA   1 
ATOM   15  C C    . SER A 1 24 ? -6.841  -6.286  -12.974 1.00 32.88 ? 911 SER A C    1 
ATOM   16  O O    . SER A 1 24 ? -6.913  -5.252  -13.636 1.00 30.65 ? 911 SER A O    1 
ATOM   17  C CB   . SER A 1 24 ? -4.426  -6.750  -12.467 1.00 40.15 ? 911 SER A CB   1 
ATOM   18  O OG   . SER A 1 24 ? -4.628  -6.696  -11.067 1.00 45.27 ? 911 SER A OG   1 
ATOM   19  H H    . SER A 1 24 ? -5.174  -6.538  -15.065 0.00 0.00  ? 911 SER A H    1 
ATOM   20  H HG   . SER A 1 24 ? -3.849  -6.355  -10.620 0.00 0.00  ? 911 SER A HG   1 
ATOM   21  N N    . ALA A 1 25 ? -7.739  -6.630  -12.051 1.00 29.12 ? 912 ALA A N    1 
ATOM   22  C CA   . ALA A 1 25 ? -8.882  -5.786  -11.752 1.00 27.10 ? 912 ALA A CA   1 
ATOM   23  C C    . ALA A 1 25 ? -8.560  -4.688  -10.741 1.00 25.69 ? 912 ALA A C    1 
ATOM   24  O O    . ALA A 1 25 ? -9.426  -3.873  -10.415 1.00 25.68 ? 912 ALA A O    1 
ATOM   25  C CB   . ALA A 1 25 ? -10.051 -6.618  -11.272 1.00 28.25 ? 912 ALA A CB   1 
ATOM   26  H H    . ALA A 1 25 ? -7.661  -7.491  -11.595 0.00 10.00 ? 912 ALA A H    1 
ATOM   27  N N    . VAL A 1 26 ? -7.334  -4.685  -10.209 1.00 25.64 ? 913 VAL A N    1 
ATOM   28  C CA   . VAL A 1 26 ? -6.928  -3.668  -9.236  1.00 25.94 ? 913 VAL A CA   1 
ATOM   29  C C    . VAL A 1 26 ? -6.045  -2.602  -9.872  1.00 24.45 ? 913 VAL A C    1 
ATOM   30  O O    . VAL A 1 26 ? -5.349  -2.871  -10.857 1.00 24.44 ? 913 VAL A O    1 
ATOM   31  C CB   . VAL A 1 26 ? -6.189  -4.280  -8.007  1.00 27.20 ? 913 VAL A CB   1 
ATOM   32  C CG1  . VAL A 1 26 ? -7.194  -4.764  -6.974  1.00 28.69 ? 913 VAL A CG1  1 
ATOM   33  C CG2  . VAL A 1 26 ? -5.277  -5.416  -8.436  1.00 28.91 ? 913 VAL A CG2  1 
ATOM   34  H H    . VAL A 1 26 ? -6.686  -5.340  -10.527 0.00 10.00 ? 913 VAL A H    1 
ATOM   35  N N    . VAL A 1 27 ? -6.088  -1.395  -9.312  1.00 22.36 ? 914 VAL A N    1 
ATOM   36  C CA   . VAL A 1 27 ? -5.302  -0.278  -9.826  1.00 23.06 ? 914 VAL A CA   1 
ATOM   37  C C    . VAL A 1 27 ? -3.840  -0.365  -9.401  1.00 23.11 ? 914 VAL A C    1 
ATOM   38  O O    . VAL A 1 27 ? -3.463  -1.238  -8.617  1.00 22.16 ? 914 VAL A O    1 
ATOM   39  C CB   . VAL A 1 27 ? -5.892  1.098   -9.399  1.00 24.08 ? 914 VAL A CB   1 
ATOM   40  C CG1  . VAL A 1 27 ? -7.300  1.259   -9.956  1.00 24.61 ? 914 VAL A CG1  1 
ATOM   41  C CG2  . VAL A 1 27 ? -5.898  1.237   -7.878  1.00 24.73 ? 914 VAL A CG2  1 
ATOM   42  H H    . VAL A 1 27 ? -6.649  -1.280  -8.518  0.00 10.00 ? 914 VAL A H    1 
ATOM   43  N N    . SER A 1 28 ? -3.026  0.544   -9.933  1.00 24.03 ? 915 SER A N    1 
ATOM   44  C CA   . SER A 1 28 ? -1.592  0.583   -9.646  1.00 24.05 ? 915 SER A CA   1 
ATOM   45  C C    . SER A 1 28 ? -1.264  1.126   -8.256  1.00 23.08 ? 915 SER A C    1 
ATOM   46  O O    . SER A 1 28 ? -2.036  1.905   -7.684  1.00 21.72 ? 915 SER A O    1 
ATOM   47  C CB   . SER A 1 28 ? -0.888  1.447   -10.692 1.00 23.17 ? 915 SER A CB   1 
ATOM   48  O OG   . SER A 1 28 ? -1.351  2.788   -10.619 1.00 24.34 ? 915 SER A OG   1 
ATOM   49  H H    . SER A 1 28 ? -3.378  1.227   -10.536 0.00 10.00 ? 915 SER A H    1 
ATOM   50  H HG   . SER A 1 28 ? -1.011  3.143   -9.804  0.00 10.00 ? 915 SER A HG   1 
ATOM   51  N N    . VAL A 1 29 ? -0.088  0.748   -7.754  1.00 22.36 ? 916 VAL A N    1 
ATOM   52  C CA   . VAL A 1 29 ? 0.395   1.201   -6.456  1.00 21.66 ? 916 VAL A CA   1 
ATOM   53  C C    . VAL A 1 29 ? 0.527   2.720   -6.507  1.00 21.55 ? 916 VAL A C    1 
ATOM   54  O O    . VAL A 1 29 ? 0.198   3.408   -5.543  1.00 22.25 ? 916 VAL A O    1 
ATOM   55  C CB   . VAL A 1 29 ? 1.776   0.597   -6.123  1.00 20.59 ? 916 VAL A CB   1 
ATOM   56  C CG1  . VAL A 1 29 ? 2.273   1.108   -4.784  1.00 20.62 ? 916 VAL A CG1  1 
ATOM   57  C CG2  . VAL A 1 29 ? 1.691   -0.911  -6.104  1.00 18.09 ? 916 VAL A CG2  1 
ATOM   58  H H    . VAL A 1 29 ? 0.479   0.148   -8.277  0.00 10.00 ? 916 VAL A H    1 
ATOM   59  N N    . GLY A 1 30 ? 0.972   3.230   -7.655  1.00 21.67 ? 917 GLY A N    1 
ATOM   60  C CA   . GLY A 1 30 ? 1.129   4.664   -7.841  1.00 21.14 ? 917 GLY A CA   1 
ATOM   61  C C    . GLY A 1 30 ? -0.170  5.432   -7.655  1.00 21.35 ? 917 GLY A C    1 
ATOM   62  O O    . GLY A 1 30 ? -0.190  6.482   -7.006  1.00 22.38 ? 917 GLY A O    1 
ATOM   63  H H    . GLY A 1 30 ? 1.232   2.642   -8.397  0.00 10.00 ? 917 GLY A H    1 
ATOM   64  N N    . ASP A 1 31 ? -1.257  4.898   -8.209  1.00 21.54 ? 918 ASP A N    1 
ATOM   65  C CA   . ASP A 1 31 ? -2.573  5.524   -8.105  1.00 20.67 ? 918 ASP A CA   1 
ATOM   66  C C    . ASP A 1 31 ? -3.046  5.540   -6.663  1.00 17.85 ? 918 ASP A C    1 
ATOM   67  O O    . ASP A 1 31 ? -3.614  6.528   -6.195  1.00 16.82 ? 918 ASP A O    1 
ATOM   68  C CB   . ASP A 1 31 ? -3.596  4.778   -8.965  1.00 24.65 ? 918 ASP A CB   1 
ATOM   69  C CG   . ASP A 1 31 ? -3.371  4.981   -10.447 1.00 28.02 ? 918 ASP A CG   1 
ATOM   70  O OD1  . ASP A 1 31 ? -2.914  6.075   -10.840 1.00 30.44 ? 918 ASP A OD1  1 
ATOM   71  O OD2  . ASP A 1 31 ? -3.659  4.044   -11.218 1.00 30.66 ? 918 ASP A OD2  1 
ATOM   72  H H    . ASP A 1 31 ? -1.162  4.049   -8.666  0.00 10.00 ? 918 ASP A H    1 
ATOM   73  N N    . TRP A 1 32 ? -2.837  4.422   -5.978  1.00 15.94 ? 919 TRP A N    1 
ATOM   74  C CA   . TRP A 1 32 ? -3.217  4.286   -4.581  1.00 14.95 ? 919 TRP A CA   1 
ATOM   75  C C    . TRP A 1 32 ? -2.433  5.277   -3.715  1.00 13.78 ? 919 TRP A C    1 
ATOM   76  O O    . TRP A 1 32 ? -3.015  5.976   -2.889  1.00 14.59 ? 919 TRP A O    1 
ATOM   77  C CB   . TRP A 1 32 ? -2.989  2.839   -4.117  1.00 15.34 ? 919 TRP A CB   1 
ATOM   78  C CG   . TRP A 1 32 ? -2.889  2.675   -2.630  1.00 13.90 ? 919 TRP A CG   1 
ATOM   79  C CD1  . TRP A 1 32 ? -3.873  2.887   -1.712  1.00 13.86 ? 919 TRP A CD1  1 
ATOM   80  C CD2  . TRP A 1 32 ? -1.718  2.309   -1.889  1.00 13.38 ? 919 TRP A CD2  1 
ATOM   81  N NE1  . TRP A 1 32 ? -3.385  2.685   -0.443  1.00 13.06 ? 919 TRP A NE1  1 
ATOM   82  C CE2  . TRP A 1 32 ? -2.066  2.329   -0.523  1.00 11.80 ? 919 TRP A CE2  1 
ATOM   83  C CE3  . TRP A 1 32 ? -0.408  1.971   -2.251  1.00 13.78 ? 919 TRP A CE3  1 
ATOM   84  C CZ2  . TRP A 1 32 ? -1.150  2.025   0.488   1.00 12.61 ? 919 TRP A CZ2  1 
ATOM   85  C CZ3  . TRP A 1 32 ? 0.506   1.668   -1.243  1.00 14.43 ? 919 TRP A CZ3  1 
ATOM   86  C CH2  . TRP A 1 32 ? 0.127   1.699   0.110   1.00 11.85 ? 919 TRP A CH2  1 
ATOM   87  H H    . TRP A 1 32 ? -2.405  3.664   -6.432  0.00 10.00 ? 919 TRP A H    1 
ATOM   88  H HE1  . TRP A 1 32 ? -3.911  2.774   0.378   0.00 10.00 ? 919 TRP A HE1  1 
ATOM   89  N N    . LEU A 1 33 ? -1.121  5.353   -3.925  1.00 13.35 ? 920 LEU A N    1 
ATOM   90  C CA   . LEU A 1 33 ? -0.277  6.264   -3.159  1.00 12.53 ? 920 LEU A CA   1 
ATOM   91  C C    . LEU A 1 33 ? -0.674  7.726   -3.347  1.00 12.61 ? 920 LEU A C    1 
ATOM   92  O O    . LEU A 1 33 ? -0.706  8.487   -2.380  1.00 13.77 ? 920 LEU A O    1 
ATOM   93  C CB   . LEU A 1 33 ? 1.200   6.054   -3.505  1.00 10.48 ? 920 LEU A CB   1 
ATOM   94  C CG   . LEU A 1 33 ? 1.840   4.790   -2.913  1.00 11.20 ? 920 LEU A CG   1 
ATOM   95  C CD1  . LEU A 1 33 ? 3.270   4.651   -3.402  1.00 12.10 ? 920 LEU A CD1  1 
ATOM   96  C CD2  . LEU A 1 33 ? 1.803   4.834   -1.390  1.00 10.00 ? 920 LEU A CD2  1 
ATOM   97  H H    . LEU A 1 33 ? -0.713  4.790   -4.614  0.00 10.00 ? 920 LEU A H    1 
ATOM   98  N N    . GLN A 1 34 ? -0.980  8.124   -4.578  1.00 13.95 ? 921 GLN A N    1 
ATOM   99  C CA   . GLN A 1 34 ? -1.383  9.505   -4.829  1.00 16.28 ? 921 GLN A CA   1 
ATOM   100 C C    . GLN A 1 34 ? -2.719  9.818   -4.154  1.00 15.94 ? 921 GLN A C    1 
ATOM   101 O O    . GLN A 1 34 ? -2.905  10.898  -3.598  1.00 17.35 ? 921 GLN A O    1 
ATOM   102 C CB   . GLN A 1 34 ? -1.473  9.790   -6.329  1.00 16.54 ? 921 GLN A CB   1 
ATOM   103 C CG   . GLN A 1 34 ? -1.783  11.248  -6.642  1.00 16.62 ? 921 GLN A CG   1 
ATOM   104 C CD   . GLN A 1 34 ? -1.798  11.537  -8.120  1.00 16.33 ? 921 GLN A CD   1 
ATOM   105 O OE1  . GLN A 1 34 ? -0.860  11.205  -8.838  1.00 16.95 ? 921 GLN A OE1  1 
ATOM   106 N NE2  . GLN A 1 34 ? -2.860  12.177  -8.585  1.00 18.37 ? 921 GLN A NE2  1 
ATOM   107 H H    . GLN A 1 34 ? -0.926  7.490   -5.326  0.00 10.00 ? 921 GLN A H    1 
ATOM   108 H HE21 . GLN A 1 34 ? -2.881  12.402  -9.541  0.00 10.00 ? 921 GLN A HE21 1 
ATOM   109 H HE22 . GLN A 1 34 ? -3.568  12.419  -7.953  0.00 10.00 ? 921 GLN A HE22 1 
ATOM   110 N N    . ALA A 1 35 ? -3.625  8.845   -4.168  1.00 17.97 ? 922 ALA A N    1 
ATOM   111 C CA   . ALA A 1 35 ? -4.947  8.984   -3.569  1.00 16.54 ? 922 ALA A CA   1 
ATOM   112 C C    . ALA A 1 35 ? -4.893  9.177   -2.057  1.00 17.54 ? 922 ALA A C    1 
ATOM   113 O O    . ALA A 1 35 ? -5.767  9.828   -1.478  1.00 16.79 ? 922 ALA A O    1 
ATOM   114 C CB   . ALA A 1 35 ? -5.795  7.780   -3.912  1.00 16.52 ? 922 ALA A CB   1 
ATOM   115 H H    . ALA A 1 35 ? -3.397  7.994   -4.601  0.00 10.00 ? 922 ALA A H    1 
ATOM   116 N N    . ILE A 1 36 ? -3.892  8.581   -1.414  1.00 16.97 ? 923 ILE A N    1 
ATOM   117 C CA   . ILE A 1 36 ? -3.742  8.715   0.032   1.00 16.57 ? 923 ILE A CA   1 
ATOM   118 C C    . ILE A 1 36 ? -2.610  9.684   0.394   1.00 18.05 ? 923 ILE A C    1 
ATOM   119 O O    . ILE A 1 36 ? -2.124  9.700   1.524   1.00 18.28 ? 923 ILE A O    1 
ATOM   120 C CB   . ILE A 1 36 ? -3.540  7.341   0.732   1.00 17.14 ? 923 ILE A CB   1 
ATOM   121 C CG1  . ILE A 1 36 ? -2.220  6.694   0.304   1.00 13.94 ? 923 ILE A CG1  1 
ATOM   122 C CG2  . ILE A 1 36 ? -4.720  6.417   0.418   1.00 14.50 ? 923 ILE A CG2  1 
ATOM   123 C CD1  . ILE A 1 36 ? -1.787  5.567   1.211   1.00 13.69 ? 923 ILE A CD1  1 
ATOM   124 H H    . ILE A 1 36 ? -3.249  8.038   -1.917  0.00 10.00 ? 923 ILE A H    1 
ATOM   125 N N    . LYS A 1 37 ? -2.203  10.485  -0.587  1.00 19.42 ? 924 LYS A N    1 
ATOM   126 C CA   . LYS A 1 37 ? -1.155  11.493  -0.435  1.00 20.32 ? 924 LYS A CA   1 
ATOM   127 C C    . LYS A 1 37 ? 0.177   10.999  0.130   1.00 18.87 ? 924 LYS A C    1 
ATOM   128 O O    . LYS A 1 37 ? 0.897   11.735  0.810   1.00 17.67 ? 924 LYS A O    1 
ATOM   129 C CB   . LYS A 1 37 ? -1.694  12.697  0.347   1.00 23.93 ? 924 LYS A CB   1 
ATOM   130 C CG   . LYS A 1 37 ? -2.864  13.375  -0.361  1.00 28.19 ? 924 LYS A CG   1 
ATOM   131 C CD   . LYS A 1 37 ? -3.306  14.644  0.339   1.00 34.63 ? 924 LYS A CD   1 
ATOM   132 C CE   . LYS A 1 37 ? -4.413  15.342  -0.444  1.00 38.73 ? 924 LYS A CE   1 
ATOM   133 N NZ   . LYS A 1 37 ? -4.854  16.608  0.221   1.00 44.05 ? 924 LYS A NZ   1 
ATOM   134 H H    . LYS A 1 37 ? -2.633  10.421  -1.464  0.00 10.00 ? 924 LYS A H    1 
ATOM   135 H HZ1  . LYS A 1 37 ? -5.198  16.396  1.181   0.00 10.00 ? 924 LYS A HZ1  1 
ATOM   136 H HZ2  . LYS A 1 37 ? -4.053  17.266  0.280   0.00 10.00 ? 924 LYS A HZ2  1 
ATOM   137 H HZ3  . LYS A 1 37 ? -5.629  17.039  -0.324  0.00 10.00 ? 924 LYS A HZ3  1 
ATOM   138 N N    . MET A 1 38 ? 0.520   9.757   -0.202  1.00 18.00 ? 925 MET A N    1 
ATOM   139 C CA   . MET A 1 38 ? 1.774   9.146   0.235   1.00 16.42 ? 925 MET A CA   1 
ATOM   140 C C    . MET A 1 38 ? 2.651   8.857   -0.980  1.00 15.49 ? 925 MET A C    1 
ATOM   141 O O    . MET A 1 38 ? 3.551   8.024   -0.916  1.00 15.05 ? 925 MET A O    1 
ATOM   142 C CB   . MET A 1 38 ? 1.501   7.845   0.996   1.00 15.95 ? 925 MET A CB   1 
ATOM   143 C CG   . MET A 1 38 ? 0.876   8.041   2.368   1.00 17.12 ? 925 MET A CG   1 
ATOM   144 S SD   . MET A 1 38 ? 2.023   8.758   3.552   1.00 18.04 ? 925 MET A SD   1 
ATOM   145 C CE   . MET A 1 38 ? 1.384   10.413  3.706   1.00 22.39 ? 925 MET A CE   1 
ATOM   146 H H    . MET A 1 38 ? -0.102  9.243   -0.756  0.00 10.00 ? 925 MET A H    1 
ATOM   147 N N    . ASP A 1 39 ? 2.410   9.577   -2.071  1.00 15.42 ? 926 ASP A N    1 
ATOM   148 C CA   . ASP A 1 39 ? 3.166   9.387   -3.306  1.00 16.61 ? 926 ASP A CA   1 
ATOM   149 C C    . ASP A 1 39 ? 4.645   9.778   -3.231  1.00 17.08 ? 926 ASP A C    1 
ATOM   150 O O    . ASP A 1 39 ? 5.416   9.518   -4.159  1.00 17.30 ? 926 ASP A O    1 
ATOM   151 C CB   . ASP A 1 39 ? 2.459   10.043  -4.507  1.00 18.40 ? 926 ASP A CB   1 
ATOM   152 C CG   . ASP A 1 39 ? 2.114   11.504  -4.274  1.00 22.45 ? 926 ASP A CG   1 
ATOM   153 O OD1  . ASP A 1 39 ? 1.328   11.815  -3.355  1.00 23.78 ? 926 ASP A OD1  1 
ATOM   154 O OD2  . ASP A 1 39 ? 2.608   12.348  -5.045  1.00 29.54 ? 926 ASP A OD2  1 
ATOM   155 H H    . ASP A 1 39 ? 1.694   10.242  -2.032  0.00 10.00 ? 926 ASP A H    1 
ATOM   156 N N    . ARG A 1 40 ? 5.054   10.346  -2.101  1.00 15.97 ? 927 ARG A N    1 
ATOM   157 C CA   . ARG A 1 40 ? 6.450   10.716  -1.906  1.00 14.49 ? 927 ARG A CA   1 
ATOM   158 C C    . ARG A 1 40 ? 7.246   9.423   -1.704  1.00 14.29 ? 927 ARG A C    1 
ATOM   159 O O    . ARG A 1 40 ? 8.477   9.420   -1.771  1.00 14.14 ? 927 ARG A O    1 
ATOM   160 C CB   . ARG A 1 40 ? 6.598   11.628  -0.681  1.00 13.98 ? 927 ARG A CB   1 
ATOM   161 C CG   . ARG A 1 40 ? 6.480   10.919  0.673   1.00 13.40 ? 927 ARG A CG   1 
ATOM   162 C CD   . ARG A 1 40 ? 6.581   11.895  1.849   1.00 15.27 ? 927 ARG A CD   1 
ATOM   163 N NE   . ARG A 1 40 ? 5.351   12.667  2.009   1.00 19.72 ? 927 ARG A NE   1 
ATOM   164 C CZ   . ARG A 1 40 ? 5.139   13.568  2.963   1.00 18.27 ? 927 ARG A CZ   1 
ATOM   165 N NH1  . ARG A 1 40 ? 6.080   13.833  3.858   1.00 14.35 ? 927 ARG A NH1  1 
ATOM   166 N NH2  . ARG A 1 40 ? 3.967   14.189  3.035   1.00 17.89 ? 927 ARG A NH2  1 
ATOM   167 H H    . ARG A 1 40 ? 4.417   10.531  -1.387  0.00 10.00 ? 927 ARG A H    1 
ATOM   168 H HE   . ARG A 1 40 ? 4.636   12.516  1.363   0.00 10.00 ? 927 ARG A HE   1 
ATOM   169 H HH11 . ARG A 1 40 ? 6.959   13.363  3.814   0.00 0.00  ? 927 ARG A HH11 1 
ATOM   170 H HH12 . ARG A 1 40 ? 5.913   14.515  4.572   0.00 0.00  ? 927 ARG A HH12 1 
ATOM   171 H HH21 . ARG A 1 40 ? 3.253   13.973  2.368   0.00 0.00  ? 927 ARG A HH21 1 
ATOM   172 H HH22 . ARG A 1 40 ? 3.800   14.869  3.751   0.00 0.00  ? 927 ARG A HH22 1 
ATOM   173 N N    . TYR A 1 41 ? 6.520   8.330   -1.459  1.00 14.12 ? 928 TYR A N    1 
ATOM   174 C CA   . TYR A 1 41 ? 7.096   7.007   -1.233  1.00 13.74 ? 928 TYR A CA   1 
ATOM   175 C C    . TYR A 1 41 ? 7.022   6.051   -2.428  1.00 14.27 ? 928 TYR A C    1 
ATOM   176 O O    . TYR A 1 41 ? 7.369   4.879   -2.300  1.00 15.38 ? 928 TYR A O    1 
ATOM   177 C CB   . TYR A 1 41 ? 6.429   6.353   -0.020  1.00 11.65 ? 928 TYR A CB   1 
ATOM   178 C CG   . TYR A 1 41 ? 6.730   7.058   1.288   1.00 12.93 ? 928 TYR A CG   1 
ATOM   179 C CD1  . TYR A 1 41 ? 8.038   7.166   1.768   1.00 12.08 ? 928 TYR A CD1  1 
ATOM   180 C CD2  . TYR A 1 41 ? 5.702   7.606   2.053   1.00 10.58 ? 928 TYR A CD2  1 
ATOM   181 C CE1  . TYR A 1 41 ? 8.310   7.803   2.990   1.00 12.39 ? 928 TYR A CE1  1 
ATOM   182 C CE2  . TYR A 1 41 ? 5.956   8.235   3.257   1.00 10.49 ? 928 TYR A CE2  1 
ATOM   183 C CZ   . TYR A 1 41 ? 7.258   8.331   3.723   1.00 10.20 ? 928 TYR A CZ   1 
ATOM   184 O OH   . TYR A 1 41 ? 7.458   8.941   4.932   1.00 11.30 ? 928 TYR A OH   1 
ATOM   185 H H    . TYR A 1 41 ? 5.546   8.387   -1.404  0.00 10.00 ? 928 TYR A H    1 
ATOM   186 H HH   . TYR A 1 41 ? 6.564   8.927   5.179   0.00 10.00 ? 928 TYR A HH   1 
ATOM   187 N N    . LYS A 1 42 ? 6.598   6.551   -3.587  1.00 16.73 ? 929 LYS A N    1 
ATOM   188 C CA   . LYS A 1 42 ? 6.486   5.732   -4.795  1.00 17.93 ? 929 LYS A CA   1 
ATOM   189 C C    . LYS A 1 42 ? 7.705   4.846   -5.023  1.00 19.40 ? 929 LYS A C    1 
ATOM   190 O O    . LYS A 1 42 ? 7.594   3.621   -5.124  1.00 18.56 ? 929 LYS A O    1 
ATOM   191 C CB   . LYS A 1 42 ? 6.282   6.617   -6.026  1.00 19.71 ? 929 LYS A CB   1 
ATOM   192 C CG   . LYS A 1 42 ? 4.834   6.849   -6.391  1.00 27.71 ? 929 LYS A CG   1 
ATOM   193 C CD   . LYS A 1 42 ? 4.703   7.615   -7.702  1.00 32.21 ? 929 LYS A CD   1 
ATOM   194 C CE   . LYS A 1 42 ? 3.265   7.596   -8.216  1.00 32.72 ? 929 LYS A CE   1 
ATOM   195 N NZ   . LYS A 1 42 ? 2.280   8.162   -7.235  1.00 31.10 ? 929 LYS A NZ   1 
ATOM   196 H H    . LYS A 1 42 ? 6.358   7.504   -3.629  0.00 10.00 ? 929 LYS A H    1 
ATOM   197 H HZ1  . LYS A 1 42 ? 2.531   9.143   -6.990  0.00 10.00 ? 929 LYS A HZ1  1 
ATOM   198 H HZ2  . LYS A 1 42 ? 1.333   8.160   -7.663  0.00 10.00 ? 929 LYS A HZ2  1 
ATOM   199 H HZ3  . LYS A 1 42 ? 2.281   7.589   -6.370  0.00 10.00 ? 929 LYS A HZ3  1 
ATOM   200 N N    . ASP A 1 43 ? 8.870   5.484   -5.066  1.00 20.41 ? 930 ASP A N    1 
ATOM   201 C CA   . ASP A 1 43 ? 10.132  4.795   -5.291  1.00 20.42 ? 930 ASP A CA   1 
ATOM   202 C C    . ASP A 1 43 ? 10.473  3.785   -4.205  1.00 17.86 ? 930 ASP A C    1 
ATOM   203 O O    . ASP A 1 43 ? 11.128  2.782   -4.484  1.00 17.51 ? 930 ASP A O    1 
ATOM   204 C CB   . ASP A 1 43 ? 11.268  5.813   -5.449  1.00 23.30 ? 930 ASP A CB   1 
ATOM   205 C CG   . ASP A 1 43 ? 11.142  6.641   -6.718  1.00 25.30 ? 930 ASP A CG   1 
ATOM   206 O OD1  . ASP A 1 43 ? 10.313  6.299   -7.595  1.00 26.70 ? 930 ASP A OD1  1 
ATOM   207 O OD2  . ASP A 1 43 ? 11.883  7.637   -6.841  1.00 27.38 ? 930 ASP A OD2  1 
ATOM   208 H H    . ASP A 1 43 ? 8.865   6.451   -4.947  0.00 10.00 ? 930 ASP A H    1 
ATOM   209 N N    . ASN A 1 44 ? 10.026  4.049   -2.978  1.00 14.65 ? 931 ASN A N    1 
ATOM   210 C CA   . ASN A 1 44 ? 10.278  3.151   -1.850  1.00 13.52 ? 931 ASN A CA   1 
ATOM   211 C C    . ASN A 1 44 ? 9.643   1.781   -2.109  1.00 14.47 ? 931 ASN A C    1 
ATOM   212 O O    . ASN A 1 44 ? 10.265  0.745   -1.878  1.00 13.19 ? 931 ASN A O    1 
ATOM   213 C CB   . ASN A 1 44 ? 9.727   3.746   -0.551  1.00 13.46 ? 931 ASN A CB   1 
ATOM   214 C CG   . ASN A 1 44 ? 10.425  5.033   -0.149  1.00 12.15 ? 931 ASN A CG   1 
ATOM   215 O OD1  . ASN A 1 44 ? 11.075  5.102   0.891   1.00 15.43 ? 931 ASN A OD1  1 
ATOM   216 N ND2  . ASN A 1 44 ? 10.274  6.070   -0.961  1.00 10.00 ? 931 ASN A ND2  1 
ATOM   217 H H    . ASN A 1 44 ? 9.469   4.838   -2.852  0.00 10.00 ? 931 ASN A H    1 
ATOM   218 H HD21 . ASN A 1 44 ? 10.724  6.884   -0.664  0.00 0.00  ? 931 ASN A HD21 1 
ATOM   219 H HD22 . ASN A 1 44 ? 9.734   5.991   -1.768  0.00 0.00  ? 931 ASN A HD22 1 
ATOM   220 N N    . PHE A 1 45 ? 8.412   1.781   -2.610  1.00 14.74 ? 932 PHE A N    1 
ATOM   221 C CA   . PHE A 1 45 ? 7.710   0.538   -2.913  1.00 16.13 ? 932 PHE A CA   1 
ATOM   222 C C    . PHE A 1 45 ? 8.342   -0.189  -4.096  1.00 17.19 ? 932 PHE A C    1 
ATOM   223 O O    . PHE A 1 45 ? 8.665   -1.371  -4.003  1.00 18.79 ? 932 PHE A O    1 
ATOM   224 C CB   . PHE A 1 45 ? 6.227   0.815   -3.183  1.00 13.55 ? 932 PHE A CB   1 
ATOM   225 C CG   . PHE A 1 45 ? 5.439   1.107   -1.939  1.00 13.40 ? 932 PHE A CG   1 
ATOM   226 C CD1  . PHE A 1 45 ? 5.366   2.396   -1.435  1.00 12.04 ? 932 PHE A CD1  1 
ATOM   227 C CD2  . PHE A 1 45 ? 4.805   0.084   -1.250  1.00 12.73 ? 932 PHE A CD2  1 
ATOM   228 C CE1  . PHE A 1 45 ? 4.681   2.663   -0.264  1.00 11.44 ? 932 PHE A CE1  1 
ATOM   229 C CE2  . PHE A 1 45 ? 4.115   0.343   -0.075  1.00 12.55 ? 932 PHE A CE2  1 
ATOM   230 C CZ   . PHE A 1 45 ? 4.056   1.635   0.417   1.00 12.81 ? 932 PHE A CZ   1 
ATOM   231 H H    . PHE A 1 45 ? 7.959   2.635   -2.787  0.00 10.00 ? 932 PHE A H    1 
ATOM   232 N N    . THR A 1 46 ? 8.577   0.548   -5.178  1.00 18.93 ? 933 THR A N    1 
ATOM   233 C CA   . THR A 1 46 ? 9.166   0.005   -6.393  1.00 19.46 ? 933 THR A CA   1 
ATOM   234 C C    . THR A 1 46 ? 10.533  -0.639  -6.163  1.00 19.94 ? 933 THR A C    1 
ATOM   235 O O    . THR A 1 46 ? 10.767  -1.779  -6.568  1.00 20.57 ? 933 THR A O    1 
ATOM   236 C CB   . THR A 1 46 ? 9.296   1.108   -7.467  1.00 20.06 ? 933 THR A CB   1 
ATOM   237 O OG1  . THR A 1 46 ? 8.015   1.711   -7.687  1.00 23.65 ? 933 THR A OG1  1 
ATOM   238 C CG2  . THR A 1 46 ? 9.809   0.536   -8.780  1.00 22.07 ? 933 THR A CG2  1 
ATOM   239 H H    . THR A 1 46 ? 8.327   1.498   -5.170  0.00 10.00 ? 933 THR A H    1 
ATOM   240 H HG1  . THR A 1 46 ? 7.373   1.052   -7.970  0.00 10.00 ? 933 THR A HG1  1 
ATOM   241 N N    . ALA A 1 47 ? 11.425  0.084   -5.493  1.00 19.21 ? 934 ALA A N    1 
ATOM   242 C CA   . ALA A 1 47 ? 12.771  -0.411  -5.230  1.00 17.60 ? 934 ALA A CA   1 
ATOM   243 C C    . ALA A 1 47 ? 12.793  -1.721  -4.459  1.00 16.03 ? 934 ALA A C    1 
ATOM   244 O O    . ALA A 1 47 ? 13.729  -2.504  -4.600  1.00 17.80 ? 934 ALA A O    1 
ATOM   245 C CB   . ALA A 1 47 ? 13.593  0.643   -4.503  1.00 15.43 ? 934 ALA A CB   1 
ATOM   246 H H    . ALA A 1 47 ? 11.171  0.963   -5.147  0.00 10.00 ? 934 ALA A H    1 
ATOM   247 N N    . ALA A 1 48 ? 11.760  -1.964  -3.658  1.00 16.14 ? 935 ALA A N    1 
ATOM   248 C CA   . ALA A 1 48 ? 11.682  -3.186  -2.865  1.00 14.43 ? 935 ALA A CA   1 
ATOM   249 C C    . ALA A 1 48 ? 10.835  -4.281  -3.512  1.00 13.86 ? 935 ALA A C    1 
ATOM   250 O O    . ALA A 1 48 ? 10.537  -5.297  -2.882  1.00 15.04 ? 935 ALA A O    1 
ATOM   251 C CB   . ALA A 1 48 ? 11.175  -2.873  -1.478  1.00 14.61 ? 935 ALA A CB   1 
ATOM   252 H H    . ALA A 1 48 ? 11.020  -1.327  -3.588  0.00 10.00 ? 935 ALA A H    1 
ATOM   253 N N    . GLY A 1 49 ? 10.457  -4.077  -4.768  1.00 13.66 ? 936 GLY A N    1 
ATOM   254 C CA   . GLY A 1 49 ? 9.667   -5.073  -5.470  1.00 16.69 ? 936 GLY A CA   1 
ATOM   255 C C    . GLY A 1 49 ? 8.162   -5.000  -5.279  1.00 17.44 ? 936 GLY A C    1 
ATOM   256 O O    . GLY A 1 49 ? 7.440   -5.850  -5.797  1.00 18.41 ? 936 GLY A O    1 
ATOM   257 H H    . GLY A 1 49 ? 10.719  -3.260  -5.239  0.00 10.00 ? 936 GLY A H    1 
ATOM   258 N N    . TYR A 1 50 ? 7.680   -4.016  -4.522  1.00 19.20 ? 937 TYR A N    1 
ATOM   259 C CA   . TYR A 1 50 ? 6.239   -3.860  -4.306  1.00 17.59 ? 937 TYR A CA   1 
ATOM   260 C C    . TYR A 1 50 ? 5.661   -3.090  -5.476  1.00 17.88 ? 937 TYR A C    1 
ATOM   261 O O    . TYR A 1 50 ? 5.463   -1.875  -5.402  1.00 18.66 ? 937 TYR A O    1 
ATOM   262 C CB   . TYR A 1 50 ? 5.955   -3.126  -3.001  1.00 14.83 ? 937 TYR A CB   1 
ATOM   263 C CG   . TYR A 1 50 ? 6.295   -3.948  -1.793  1.00 15.36 ? 937 TYR A CG   1 
ATOM   264 C CD1  . TYR A 1 50 ? 5.403   -4.888  -1.296  1.00 14.36 ? 937 TYR A CD1  1 
ATOM   265 C CD2  . TYR A 1 50 ? 7.522   -3.804  -1.159  1.00 15.74 ? 937 TYR A CD2  1 
ATOM   266 C CE1  . TYR A 1 50 ? 5.724   -5.665  -0.190  1.00 17.13 ? 937 TYR A CE1  1 
ATOM   267 C CE2  . TYR A 1 50 ? 7.854   -4.574  -0.055  1.00 16.34 ? 937 TYR A CE2  1 
ATOM   268 C CZ   . TYR A 1 50 ? 6.951   -5.503  0.424   1.00 15.80 ? 937 TYR A CZ   1 
ATOM   269 O OH   . TYR A 1 50 ? 7.255   -6.254  1.526   1.00 17.66 ? 937 TYR A OH   1 
ATOM   270 H H    . TYR A 1 50 ? 8.299   -3.377  -4.112  0.00 10.00 ? 937 TYR A H    1 
ATOM   271 H HH   . TYR A 1 50 ? 6.519   -6.817  1.685   0.00 10.00 ? 937 TYR A HH   1 
ATOM   272 N N    . THR A 1 51 ? 5.408   -3.810  -6.562  1.00 19.08 ? 938 THR A N    1 
ATOM   273 C CA   . THR A 1 51 ? 4.877   -3.214  -7.776  1.00 20.43 ? 938 THR A CA   1 
ATOM   274 C C    . THR A 1 51 ? 3.388   -3.417  -7.992  1.00 20.47 ? 938 THR A C    1 
ATOM   275 O O    . THR A 1 51 ? 2.810   -2.813  -8.895  1.00 22.23 ? 938 THR A O    1 
ATOM   276 C CB   . THR A 1 51 ? 5.641   -3.720  -9.011  1.00 20.49 ? 938 THR A CB   1 
ATOM   277 O OG1  . THR A 1 51 ? 5.673   -5.153  -8.996  1.00 23.01 ? 938 THR A OG1  1 
ATOM   278 C CG2  . THR A 1 51 ? 7.065   -3.179  -9.012  1.00 21.47 ? 938 THR A CG2  1 
ATOM   279 H H    . THR A 1 51 ? 5.611   -4.772  -6.570  0.00 10.00 ? 938 THR A H    1 
ATOM   280 H HG1  . THR A 1 51 ? 6.121   -5.454  -9.791  0.00 10.00 ? 938 THR A HG1  1 
ATOM   281 N N    . THR A 1 52 ? 2.770   -4.278  -7.191  1.00 19.49 ? 939 THR A N    1 
ATOM   282 C CA   . THR A 1 52 ? 1.336   -4.525  -7.316  1.00 22.03 ? 939 THR A CA   1 
ATOM   283 C C    . THR A 1 52 ? 0.658   -4.356  -5.959  1.00 22.29 ? 939 THR A C    1 
ATOM   284 O O    . THR A 1 52 ? 1.278   -4.579  -4.914  1.00 23.11 ? 939 THR A O    1 
ATOM   285 C CB   . THR A 1 52 ? 1.024   -5.950  -7.882  1.00 21.88 ? 939 THR A CB   1 
ATOM   286 O OG1  . THR A 1 52 ? 1.550   -6.956  -7.006  1.00 23.38 ? 939 THR A OG1  1 
ATOM   287 C CG2  . THR A 1 52 ? 1.626   -6.131  -9.275  1.00 22.58 ? 939 THR A CG2  1 
ATOM   288 H H    . THR A 1 52 ? 3.277   -4.765  -6.513  0.00 10.00 ? 939 THR A H    1 
ATOM   289 H HG1  . THR A 1 52 ? 1.186   -6.881  -6.130  0.00 10.00 ? 939 THR A HG1  1 
ATOM   290 N N    . LEU A 1 53 ? -0.609  -3.954  -5.975  1.00 20.97 ? 940 LEU A N    1 
ATOM   291 C CA   . LEU A 1 53 ? -1.363  -3.774  -4.740  1.00 21.45 ? 940 LEU A CA   1 
ATOM   292 C C    . LEU A 1 53 ? -1.562  -5.098  -4.001  1.00 21.08 ? 940 LEU A C    1 
ATOM   293 O O    . LEU A 1 53 ? -1.811  -5.106  -2.799  1.00 19.68 ? 940 LEU A O    1 
ATOM   294 C CB   . LEU A 1 53 ? -2.716  -3.114  -5.012  1.00 21.73 ? 940 LEU A CB   1 
ATOM   295 C CG   . LEU A 1 53 ? -2.760  -1.591  -5.159  1.00 20.62 ? 940 LEU A CG   1 
ATOM   296 C CD1  . LEU A 1 53 ? -4.190  -1.142  -5.437  1.00 19.11 ? 940 LEU A CD1  1 
ATOM   297 C CD2  . LEU A 1 53 ? -2.243  -0.930  -3.887  1.00 22.59 ? 940 LEU A CD2  1 
ATOM   298 H H    . LEU A 1 53 ? -1.046  -3.766  -6.834  0.00 10.00 ? 940 LEU A H    1 
ATOM   299 N N    . GLU A 1 54 ? -1.440  -6.213  -4.715  1.00 22.89 ? 941 GLU A N    1 
ATOM   300 C CA   . GLU A 1 54 ? -1.588  -7.532  -4.100  1.00 24.55 ? 941 GLU A CA   1 
ATOM   301 C C    . GLU A 1 54 ? -0.455  -7.740  -3.092  1.00 23.01 ? 941 GLU A C    1 
ATOM   302 O O    . GLU A 1 54 ? -0.664  -8.272  -2.002  1.00 23.35 ? 941 GLU A O    1 
ATOM   303 C CB   . GLU A 1 54 ? -1.559  -8.632  -5.171  1.00 29.29 ? 941 GLU A CB   1 
ATOM   304 C CG   . GLU A 1 54 ? -2.588  -8.443  -6.287  1.00 39.55 ? 941 GLU A CG   1 
ATOM   305 C CD   . GLU A 1 54 ? -2.647  -9.607  -7.273  1.00 45.17 ? 941 GLU A CD   1 
ATOM   306 O OE1  . GLU A 1 54 ? -1.582  -10.189 -7.587  1.00 46.83 ? 941 GLU A OE1  1 
ATOM   307 O OE2  . GLU A 1 54 ? -3.766  -9.928  -7.742  1.00 47.24 ? 941 GLU A OE2  1 
ATOM   308 H H    . GLU A 1 54 ? -1.267  -6.143  -5.672  0.00 10.00 ? 941 GLU A H    1 
ATOM   309 N N    . ALA A 1 55 ? 0.739   -7.283  -3.458  1.00 20.90 ? 942 ALA A N    1 
ATOM   310 C CA   . ALA A 1 55 ? 1.911   -7.400  -2.603  1.00 19.22 ? 942 ALA A CA   1 
ATOM   311 C C    . ALA A 1 55 ? 1.841   -6.396  -1.453  1.00 19.76 ? 942 ALA A C    1 
ATOM   312 O O    . ALA A 1 55 ? 2.185   -6.718  -0.314  1.00 19.96 ? 942 ALA A O    1 
ATOM   313 C CB   . ALA A 1 55 ? 3.174   -7.185  -3.422  1.00 18.33 ? 942 ALA A CB   1 
ATOM   314 H H    . ALA A 1 55 ? 0.845   -6.839  -4.317  0.00 10.00 ? 942 ALA A H    1 
ATOM   315 N N    . VAL A 1 56 ? 1.369   -5.187  -1.754  1.00 18.87 ? 943 VAL A N    1 
ATOM   316 C CA   . VAL A 1 56 ? 1.245   -4.130  -0.753  1.00 16.47 ? 943 VAL A CA   1 
ATOM   317 C C    . VAL A 1 56 ? 0.281   -4.526  0.361   1.00 17.56 ? 943 VAL A C    1 
ATOM   318 O O    . VAL A 1 56 ? 0.575   -4.362  1.544   1.00 18.81 ? 943 VAL A O    1 
ATOM   319 C CB   . VAL A 1 56 ? 0.756   -2.803  -1.394  1.00 14.10 ? 943 VAL A CB   1 
ATOM   320 C CG1  . VAL A 1 56 ? 0.423   -1.792  -0.322  1.00 13.60 ? 943 VAL A CG1  1 
ATOM   321 C CG2  . VAL A 1 56 ? 1.820   -2.232  -2.317  1.00 13.04 ? 943 VAL A CG2  1 
ATOM   322 H H    . VAL A 1 56 ? 1.108   -4.998  -2.681  0.00 10.00 ? 943 VAL A H    1 
ATOM   323 N N    . VAL A 1 57 ? -0.850  -5.097  -0.027  1.00 18.22 ? 944 VAL A N    1 
ATOM   324 C CA   . VAL A 1 57 ? -1.884  -5.499  0.909   1.00 19.55 ? 944 VAL A CA   1 
ATOM   325 C C    . VAL A 1 57 ? -1.447  -6.558  1.936   1.00 21.31 ? 944 VAL A C    1 
ATOM   326 O O    . VAL A 1 57 ? -2.154  -6.823  2.911   1.00 21.60 ? 944 VAL A O    1 
ATOM   327 C CB   . VAL A 1 57 ? -3.173  -5.909  0.124   1.00 20.45 ? 944 VAL A CB   1 
ATOM   328 C CG1  . VAL A 1 57 ? -3.268  -7.419  -0.079  1.00 22.10 ? 944 VAL A CG1  1 
ATOM   329 C CG2  . VAL A 1 57 ? -4.389  -5.340  0.785   1.00 20.47 ? 944 VAL A CG2  1 
ATOM   330 H H    . VAL A 1 57 ? -0.996  -5.256  -0.982  0.00 10.00 ? 944 VAL A H    1 
ATOM   331 N N    . HIS A 1 58 ? -0.277  -7.155  1.732   1.00 22.23 ? 945 HIS A N    1 
ATOM   332 C CA   . HIS A 1 58 ? 0.230   -8.152  2.672   1.00 24.47 ? 945 HIS A CA   1 
ATOM   333 C C    . HIS A 1 58 ? 1.440   -7.647  3.460   1.00 23.50 ? 945 HIS A C    1 
ATOM   334 O O    . HIS A 1 58 ? 2.173   -8.434  4.062   1.00 25.20 ? 945 HIS A O    1 
ATOM   335 C CB   . HIS A 1 58 ? 0.560   -9.466  1.958   1.00 29.45 ? 945 HIS A CB   1 
ATOM   336 C CG   . HIS A 1 58 ? -0.646  -10.177 1.421   1.00 35.62 ? 945 HIS A CG   1 
ATOM   337 N ND1  . HIS A 1 58 ? -1.839  -10.236 2.112   1.00 39.22 ? 945 HIS A ND1  1 
ATOM   338 C CD2  . HIS A 1 58 ? -0.857  -10.819 0.250   1.00 37.57 ? 945 HIS A CD2  1 
ATOM   339 C CE1  . HIS A 1 58 ? -2.733  -10.880 1.386   1.00 39.31 ? 945 HIS A CE1  1 
ATOM   340 N NE2  . HIS A 1 58 ? -2.166  -11.244 0.252   1.00 40.84 ? 945 HIS A NE2  1 
ATOM   341 H H    . HIS A 1 58 ? 0.272   -6.929  0.952   0.00 10.00 ? 945 HIS A H    1 
ATOM   342 H HD1  . HIS A 1 58 ? -2.030  -9.852  3.001   0.00 10.00 ? 945 HIS A HD1  1 
ATOM   343 H HE2  . HIS A 1 58 ? -2.619  -11.729 -0.472  0.00 10.00 ? 945 HIS A HE2  1 
ATOM   344 N N    . MET A 1 59 ? 1.642   -6.336  3.459   1.00 19.74 ? 946 MET A N    1 
ATOM   345 C CA   . MET A 1 59 ? 2.750   -5.737  4.183   1.00 18.63 ? 946 MET A CA   1 
ATOM   346 C C    . MET A 1 59 ? 2.425   -5.602  5.660   1.00 18.12 ? 946 MET A C    1 
ATOM   347 O O    . MET A 1 59 ? 1.258   -5.582  6.055   1.00 18.77 ? 946 MET A O    1 
ATOM   348 C CB   . MET A 1 59 ? 3.065   -4.347  3.636   1.00 17.73 ? 946 MET A CB   1 
ATOM   349 C CG   . MET A 1 59 ? 3.626   -4.336  2.245   1.00 19.84 ? 946 MET A CG   1 
ATOM   350 S SD   . MET A 1 59 ? 3.935   -2.657  1.703   1.00 21.77 ? 946 MET A SD   1 
ATOM   351 C CE   . MET A 1 59 ? 5.648   -2.454  2.214   1.00 18.09 ? 946 MET A CE   1 
ATOM   352 H H    . MET A 1 59 ? 1.011   -5.746  2.991   0.00 10.00 ? 946 MET A H    1 
ATOM   353 N N    . SER A 1 60 ? 3.474   -5.495  6.467   1.00 17.33 ? 947 SER A N    1 
ATOM   354 C CA   . SER A 1 60 ? 3.348   -5.316  7.905   1.00 15.98 ? 947 SER A CA   1 
ATOM   355 C C    . SER A 1 60 ? 4.047   -3.997  8.214   1.00 15.60 ? 947 SER A C    1 
ATOM   356 O O    . SER A 1 60 ? 4.636   -3.382  7.316   1.00 15.48 ? 947 SER A O    1 
ATOM   357 C CB   . SER A 1 60 ? 4.043   -6.462  8.647   1.00 16.41 ? 947 SER A CB   1 
ATOM   358 O OG   . SER A 1 60 ? 5.434   -6.506  8.353   1.00 14.22 ? 947 SER A OG   1 
ATOM   359 H H    . SER A 1 60 ? 4.373   -5.522  6.087   0.00 10.00 ? 947 SER A H    1 
ATOM   360 H HG   . SER A 1 60 ? 5.862   -5.701  8.628   0.00 10.00 ? 947 SER A HG   1 
ATOM   361 N N    . GLN A 1 61 ? 4.013   -3.578  9.475   1.00 15.65 ? 948 GLN A N    1 
ATOM   362 C CA   . GLN A 1 61 ? 4.669   -2.339  9.880   1.00 16.60 ? 948 GLN A CA   1 
ATOM   363 C C    . GLN A 1 61 ? 6.172   -2.458  9.595   1.00 15.21 ? 948 GLN A C    1 
ATOM   364 O O    . GLN A 1 61 ? 6.792   -1.531  9.070   1.00 12.66 ? 948 GLN A O    1 
ATOM   365 C CB   . GLN A 1 61 ? 4.447   -2.077  11.378  1.00 21.94 ? 948 GLN A CB   1 
ATOM   366 C CG   . GLN A 1 61 ? 4.942   -0.703  11.853  1.00 27.32 ? 948 GLN A CG   1 
ATOM   367 C CD   . GLN A 1 61 ? 5.178   -0.632  13.355  1.00 31.25 ? 948 GLN A CD   1 
ATOM   368 O OE1  . GLN A 1 61 ? 4.461   -1.250  14.143  1.00 34.83 ? 948 GLN A OE1  1 
ATOM   369 N NE2  . GLN A 1 61 ? 6.198   0.114   13.758  1.00 32.46 ? 948 GLN A NE2  1 
ATOM   370 H H    . GLN A 1 61 ? 3.539   -4.101  10.149  0.00 10.00 ? 948 GLN A H    1 
ATOM   371 H HE21 . GLN A 1 61 ? 6.361   0.153   14.720  0.00 10.00 ? 948 GLN A HE21 1 
ATOM   372 H HE22 . GLN A 1 61 ? 6.723   0.578   13.074  0.00 10.00 ? 948 GLN A HE22 1 
ATOM   373 N N    . ASP A 1 62 ? 6.737   -3.622  9.908   1.00 13.65 ? 949 ASP A N    1 
ATOM   374 C CA   . ASP A 1 62 ? 8.163   -3.873  9.702   1.00 14.81 ? 949 ASP A CA   1 
ATOM   375 C C    . ASP A 1 62 ? 8.552   -3.776  8.235   1.00 13.01 ? 949 ASP A C    1 
ATOM   376 O O    . ASP A 1 62 ? 9.653   -3.341  7.916   1.00 14.17 ? 949 ASP A O    1 
ATOM   377 C CB   . ASP A 1 62 ? 8.562   -5.239  10.279  1.00 15.09 ? 949 ASP A CB   1 
ATOM   378 C CG   . ASP A 1 62 ? 10.063  -5.465  10.265  1.00 17.60 ? 949 ASP A CG   1 
ATOM   379 O OD1  . ASP A 1 62 ? 10.798  -4.722  10.953  1.00 19.58 ? 949 ASP A OD1  1 
ATOM   380 O OD2  . ASP A 1 62 ? 10.507  -6.395  9.565   1.00 18.94 ? 949 ASP A OD2  1 
ATOM   381 H H    . ASP A 1 62 ? 6.178   -4.312  10.314  0.00 10.00 ? 949 ASP A H    1 
ATOM   382 N N    . ASP A 1 63 ? 7.643   -4.169  7.347   1.00 13.51 ? 950 ASP A N    1 
ATOM   383 C CA   . ASP A 1 63 ? 7.904   -4.093  5.913   1.00 13.81 ? 950 ASP A CA   1 
ATOM   384 C C    . ASP A 1 63 ? 8.026   -2.635  5.490   1.00 13.61 ? 950 ASP A C    1 
ATOM   385 O O    . ASP A 1 63 ? 8.915   -2.286  4.719   1.00 14.29 ? 950 ASP A O    1 
ATOM   386 C CB   . ASP A 1 63 ? 6.791   -4.778  5.113   1.00 14.10 ? 950 ASP A CB   1 
ATOM   387 C CG   . ASP A 1 63 ? 6.850   -6.294  5.207   1.00 14.34 ? 950 ASP A CG   1 
ATOM   388 O OD1  . ASP A 1 63 ? 7.957   -6.851  5.348   1.00 16.13 ? 950 ASP A OD1  1 
ATOM   389 O OD2  . ASP A 1 63 ? 5.789   -6.937  5.133   1.00 16.24 ? 950 ASP A OD2  1 
ATOM   390 H H    . ASP A 1 63 ? 6.775   -4.503  7.635   0.00 10.00 ? 950 ASP A H    1 
ATOM   391 N N    . LEU A 1 64 ? 7.154   -1.785  6.031   1.00 12.11 ? 951 LEU A N    1 
ATOM   392 C CA   . LEU A 1 64 ? 7.162   -0.356  5.722   1.00 12.52 ? 951 LEU A CA   1 
ATOM   393 C C    . LEU A 1 64 ? 8.434   0.323   6.232   1.00 11.50 ? 951 LEU A C    1 
ATOM   394 O O    . LEU A 1 64 ? 9.000   1.174   5.547   1.00 12.61 ? 951 LEU A O    1 
ATOM   395 C CB   . LEU A 1 64 ? 5.917   0.329   6.300   1.00 11.55 ? 951 LEU A CB   1 
ATOM   396 C CG   . LEU A 1 64 ? 4.578   -0.119  5.700   1.00 13.10 ? 951 LEU A CG   1 
ATOM   397 C CD1  . LEU A 1 64 ? 3.421   0.470   6.488   1.00 11.51 ? 951 LEU A CD1  1 
ATOM   398 C CD2  . LEU A 1 64 ? 4.497   0.285   4.237   1.00 10.00 ? 951 LEU A CD2  1 
ATOM   399 H H    . LEU A 1 64 ? 6.484   -2.127  6.661   0.00 10.00 ? 951 LEU A H    1 
ATOM   400 N N    . ALA A 1 65 ? 8.883   -0.054  7.428   1.00 11.25 ? 952 ALA A N    1 
ATOM   401 C CA   . ALA A 1 65 ? 10.102  0.510   7.996   1.00 11.84 ? 952 ALA A CA   1 
ATOM   402 C C    . ALA A 1 65 ? 11.303  0.099   7.131   1.00 13.43 ? 952 ALA A C    1 
ATOM   403 O O    . ALA A 1 65 ? 12.137  0.932   6.766   1.00 14.76 ? 952 ALA A O    1 
ATOM   404 C CB   . ALA A 1 65 ? 10.291  0.031   9.432   1.00 10.00 ? 952 ALA A CB   1 
ATOM   405 H H    . ALA A 1 65 ? 8.377   -0.725  7.932   0.00 10.00 ? 952 ALA A H    1 
ATOM   406 N N    . ARG A 1 66 ? 11.351  -1.181  6.772   1.00 12.41 ? 953 ARG A N    1 
ATOM   407 C CA   . ARG A 1 66 ? 12.427  -1.734  5.947   1.00 15.00 ? 953 ARG A CA   1 
ATOM   408 C C    . ARG A 1 66 ? 12.489  -1.042  4.584   1.00 15.66 ? 953 ARG A C    1 
ATOM   409 O O    . ARG A 1 66 ? 13.552  -0.936  3.977   1.00 16.37 ? 953 ARG A O    1 
ATOM   410 C CB   . ARG A 1 66 ? 12.211  -3.245  5.771   1.00 15.69 ? 953 ARG A CB   1 
ATOM   411 C CG   . ARG A 1 66 ? 13.217  -3.938  4.866   1.00 22.48 ? 953 ARG A CG   1 
ATOM   412 C CD   . ARG A 1 66 ? 12.971  -5.447  4.782   1.00 24.87 ? 953 ARG A CD   1 
ATOM   413 N NE   . ARG A 1 66 ? 11.632  -5.774  4.287   1.00 25.58 ? 953 ARG A NE   1 
ATOM   414 C CZ   . ARG A 1 66 ? 11.300  -5.862  3.002   1.00 25.21 ? 953 ARG A CZ   1 
ATOM   415 N NH1  . ARG A 1 66 ? 12.207  -5.649  2.054   1.00 24.46 ? 953 ARG A NH1  1 
ATOM   416 N NH2  . ARG A 1 66 ? 10.053  -6.155  2.663   1.00 22.85 ? 953 ARG A NH2  1 
ATOM   417 H H    . ARG A 1 66 ? 10.642  -1.790  7.064   0.00 10.00 ? 953 ARG A H    1 
ATOM   418 H HE   . ARG A 1 66 ? 10.928  -5.931  4.946   0.00 10.00 ? 953 ARG A HE   1 
ATOM   419 H HH11 . ARG A 1 66 ? 13.146  -5.415  2.301   0.00 0.00  ? 953 ARG A HH11 1 
ATOM   420 H HH12 . ARG A 1 66 ? 11.946  -5.715  1.091   0.00 0.00  ? 953 ARG A HH12 1 
ATOM   421 H HH21 . ARG A 1 66 ? 9.369   -6.309  3.378   0.00 0.00  ? 953 ARG A HH21 1 
ATOM   422 H HH22 . ARG A 1 66 ? 9.797   -6.223  1.699   0.00 0.00  ? 953 ARG A HH22 1 
ATOM   423 N N    . ILE A 1 67 ? 11.343  -0.539  4.139   1.00 16.54 ? 954 ILE A N    1 
ATOM   424 C CA   . ILE A 1 67 ? 11.197  0.149   2.858   1.00 15.90 ? 954 ILE A CA   1 
ATOM   425 C C    . ILE A 1 67 ? 11.610  1.627   2.908   1.00 14.18 ? 954 ILE A C    1 
ATOM   426 O O    . ILE A 1 67 ? 11.837  2.251   1.871   1.00 12.65 ? 954 ILE A O    1 
ATOM   427 C CB   . ILE A 1 67 ? 9.728   -0.054  2.328   1.00 18.15 ? 954 ILE A CB   1 
ATOM   428 C CG1  . ILE A 1 67 ? 9.690   -1.236  1.372   1.00 18.92 ? 954 ILE A CG1  1 
ATOM   429 C CG2  . ILE A 1 67 ? 9.155   1.187   1.673   1.00 20.90 ? 954 ILE A CG2  1 
ATOM   430 C CD1  . ILE A 1 67 ? 10.258  -2.501  1.950   1.00 23.36 ? 954 ILE A CD1  1 
ATOM   431 H H    . ILE A 1 67 ? 10.543  -0.656  4.690   0.00 10.00 ? 954 ILE A H    1 
ATOM   432 N N    . GLY A 1 68 ? 11.758  2.166   4.112   1.00 13.39 ? 955 GLY A N    1 
ATOM   433 C CA   . GLY A 1 68 ? 12.148  3.558   4.247   1.00 14.64 ? 955 GLY A CA   1 
ATOM   434 C C    . GLY A 1 68 ? 11.067  4.455   4.818   1.00 14.46 ? 955 GLY A C    1 
ATOM   435 O O    . GLY A 1 68 ? 11.259  5.663   4.954   1.00 17.04 ? 955 GLY A O    1 
ATOM   436 H H    . GLY A 1 68 ? 11.605  1.625   4.915   0.00 10.00 ? 955 GLY A H    1 
ATOM   437 N N    . ILE A 1 69 ? 9.915   3.881   5.141   1.00 14.53 ? 956 ILE A N    1 
ATOM   438 C CA   . ILE A 1 69 ? 8.824   4.660   5.711   1.00 15.41 ? 956 ILE A CA   1 
ATOM   439 C C    . ILE A 1 69 ? 8.927   4.493   7.225   1.00 14.93 ? 956 ILE A C    1 
ATOM   440 O O    . ILE A 1 69 ? 8.344   3.578   7.810   1.00 15.07 ? 956 ILE A O    1 
ATOM   441 C CB   . ILE A 1 69 ? 7.447   4.173   5.185   1.00 14.68 ? 956 ILE A CB   1 
ATOM   442 C CG1  . ILE A 1 69 ? 7.459   4.175   3.650   1.00 14.55 ? 956 ILE A CG1  1 
ATOM   443 C CG2  . ILE A 1 69 ? 6.321   5.067   5.720   1.00 13.49 ? 956 ILE A CG2  1 
ATOM   444 C CD1  . ILE A 1 69 ? 6.233   3.583   3.019   1.00 14.38 ? 956 ILE A CD1  1 
ATOM   445 H H    . ILE A 1 69 ? 9.800   2.917   5.010   0.00 10.00 ? 956 ILE A H    1 
ATOM   446 N N    . THR A 1 70 ? 9.716   5.367   7.841   1.00 16.86 ? 957 THR A N    1 
ATOM   447 C CA   . THR A 1 70 ? 9.950   5.330   9.281   1.00 17.30 ? 957 THR A CA   1 
ATOM   448 C C    . THR A 1 70 ? 9.017   6.211   10.097  1.00 16.02 ? 957 THR A C    1 
ATOM   449 O O    . THR A 1 70 ? 8.847   5.984   11.290  1.00 16.25 ? 957 THR A O    1 
ATOM   450 C CB   . THR A 1 70 ? 11.401  5.711   9.610   1.00 17.04 ? 957 THR A CB   1 
ATOM   451 O OG1  . THR A 1 70 ? 11.686  7.006   9.064   1.00 19.91 ? 957 THR A OG1  1 
ATOM   452 C CG2  . THR A 1 70 ? 12.366  4.686   9.025   1.00 18.15 ? 957 THR A CG2  1 
ATOM   453 H H    . THR A 1 70 ? 10.173  6.036   7.290   0.00 10.00 ? 957 THR A H    1 
ATOM   454 H HG1  . THR A 1 70 ? 11.649  6.994   8.104   0.00 10.00 ? 957 THR A HG1  1 
ATOM   455 N N    . ALA A 1 71 ? 8.434   7.226   9.464   1.00 16.24 ? 958 ALA A N    1 
ATOM   456 C CA   . ALA A 1 71 ? 7.504   8.121   10.159  1.00 15.66 ? 958 ALA A CA   1 
ATOM   457 C C    . ALA A 1 71 ? 6.267   7.308   10.528  1.00 14.30 ? 958 ALA A C    1 
ATOM   458 O O    . ALA A 1 71 ? 5.525   6.866   9.645   1.00 14.94 ? 958 ALA A O    1 
ATOM   459 C CB   . ALA A 1 71 ? 7.117   9.303   9.262   1.00 10.94 ? 958 ALA A CB   1 
ATOM   460 H H    . ALA A 1 71 ? 8.643   7.361   8.519   0.00 10.00 ? 958 ALA A H    1 
ATOM   461 N N    . ILE A 1 72 ? 6.053   7.107   11.825  1.00 14.35 ? 959 ILE A N    1 
ATOM   462 C CA   . ILE A 1 72 ? 4.917   6.323   12.307  1.00 16.17 ? 959 ILE A CA   1 
ATOM   463 C C    . ILE A 1 72 ? 3.570   6.813   11.768  1.00 16.99 ? 959 ILE A C    1 
ATOM   464 O O    . ILE A 1 72 ? 2.697   6.006   11.445  1.00 18.92 ? 959 ILE A O    1 
ATOM   465 C CB   . ILE A 1 72 ? 4.892   6.247   13.850  1.00 17.13 ? 959 ILE A CB   1 
ATOM   466 C CG1  . ILE A 1 72 ? 6.206   5.643   14.363  1.00 20.81 ? 959 ILE A CG1  1 
ATOM   467 C CG2  . ILE A 1 72 ? 3.727   5.383   14.318  1.00 17.99 ? 959 ILE A CG2  1 
ATOM   468 C CD1  . ILE A 1 72 ? 6.333   5.600   15.883  1.00 21.87 ? 959 ILE A CD1  1 
ATOM   469 H H    . ILE A 1 72 ? 6.691   7.468   12.477  0.00 10.00 ? 959 ILE A H    1 
ATOM   470 N N    . THR A 1 73 ? 3.414   8.126   11.628  1.00 16.32 ? 960 THR A N    1 
ATOM   471 C CA   . THR A 1 73 ? 2.173   8.687   11.101  1.00 16.86 ? 960 THR A CA   1 
ATOM   472 C C    . THR A 1 73 ? 1.919   8.167   9.680   1.00 16.90 ? 960 THR A C    1 
ATOM   473 O O    . THR A 1 73 ? 0.798   7.793   9.327   1.00 16.92 ? 960 THR A O    1 
ATOM   474 C CB   . THR A 1 73 ? 2.231   10.234  11.070  1.00 18.03 ? 960 THR A CB   1 
ATOM   475 O OG1  . THR A 1 73 ? 2.422   10.734  12.399  1.00 18.57 ? 960 THR A OG1  1 
ATOM   476 C CG2  . THR A 1 73 ? 0.950   10.810  10.504  1.00 18.31 ? 960 THR A CG2  1 
ATOM   477 H H    . THR A 1 73 ? 4.129   8.723   11.922  0.00 10.00 ? 960 THR A H    1 
ATOM   478 H HG1  . THR A 1 73 ? 2.451   11.690  12.423  0.00 10.00 ? 960 THR A HG1  1 
ATOM   479 N N    . HIS A 1 74 ? 2.969   8.143   8.867   1.00 16.15 ? 961 HIS A N    1 
ATOM   480 C CA   . HIS A 1 74 ? 2.851   7.674   7.494   1.00 15.68 ? 961 HIS A CA   1 
ATOM   481 C C    . HIS A 1 74 ? 2.621   6.167   7.449   1.00 15.94 ? 961 HIS A C    1 
ATOM   482 O O    . HIS A 1 74 ? 1.868   5.681   6.601   1.00 14.39 ? 961 HIS A O    1 
ATOM   483 C CB   . HIS A 1 74 ? 4.077   8.098   6.682   1.00 15.19 ? 961 HIS A CB   1 
ATOM   484 C CG   . HIS A 1 74 ? 4.202   9.584   6.542   1.00 14.80 ? 961 HIS A CG   1 
ATOM   485 N ND1  . HIS A 1 74 ? 5.349   10.211  6.109   1.00 14.93 ? 961 HIS A ND1  1 
ATOM   486 C CD2  . HIS A 1 74 ? 3.308   10.573  6.790   1.00 14.08 ? 961 HIS A CD2  1 
ATOM   487 C CE1  . HIS A 1 74 ? 5.158   11.515  6.092   1.00 16.16 ? 961 HIS A CE1  1 
ATOM   488 N NE2  . HIS A 1 74 ? 3.929   11.763  6.502   1.00 14.72 ? 961 HIS A NE2  1 
ATOM   489 H H    . HIS A 1 74 ? 3.846   8.383   9.226   0.00 10.00 ? 961 HIS A H    1 
ATOM   490 H HD1  . HIS A 1 74 ? 6.252   9.887   6.019   0.00 10.00 ? 961 HIS A HD1  1 
ATOM   491 H HE2  . HIS A 1 74 ? 3.527   12.672  6.572   0.00 10.00 ? 961 HIS A HE2  1 
ATOM   492 N N    . GLN A 1 75 ? 3.236   5.444   8.387   1.00 16.90 ? 962 GLN A N    1 
ATOM   493 C CA   . GLN A 1 75 ? 3.066   3.996   8.483   1.00 16.19 ? 962 GLN A CA   1 
ATOM   494 C C    . GLN A 1 75 ? 1.595   3.706   8.749   1.00 15.74 ? 962 GLN A C    1 
ATOM   495 O O    . GLN A 1 75 ? 0.999   2.852   8.099   1.00 15.23 ? 962 GLN A O    1 
ATOM   496 C CB   . GLN A 1 75 ? 3.898   3.415   9.633   1.00 15.77 ? 962 GLN A CB   1 
ATOM   497 C CG   . GLN A 1 75 ? 5.396   3.331   9.371   1.00 16.87 ? 962 GLN A CG   1 
ATOM   498 C CD   . GLN A 1 75 ? 6.163   2.730   10.544  1.00 17.54 ? 962 GLN A CD   1 
ATOM   499 O OE1  . GLN A 1 75 ? 5.586   2.408   11.583  1.00 18.11 ? 962 GLN A OE1  1 
ATOM   500 N NE2  . GLN A 1 75 ? 7.468   2.578   10.380  1.00 17.65 ? 962 GLN A NE2  1 
ATOM   501 H H    . GLN A 1 75 ? 3.826   5.876   9.041   0.00 10.00 ? 962 GLN A H    1 
ATOM   502 H HE21 . GLN A 1 75 ? 7.975   2.201   11.126  0.00 10.00 ? 962 GLN A HE21 1 
ATOM   503 H HE22 . GLN A 1 75 ? 7.865   2.847   9.522   0.00 10.00 ? 962 GLN A HE22 1 
ATOM   504 N N    . ASN A 1 76 ? 1.007   4.463   9.673   1.00 15.23 ? 963 ASN A N    1 
ATOM   505 C CA   . ASN A 1 76 ? -0.394  4.281   10.037  1.00 16.00 ? 963 ASN A CA   1 
ATOM   506 C C    . ASN A 1 76 ? -1.370  4.663   8.944   1.00 14.80 ? 963 ASN A C    1 
ATOM   507 O O    . ASN A 1 76 ? -2.381  3.996   8.767   1.00 13.94 ? 963 ASN A O    1 
ATOM   508 C CB   . ASN A 1 76 ? -0.719  5.005   11.345  1.00 16.74 ? 963 ASN A CB   1 
ATOM   509 C CG   . ASN A 1 76 ? -0.178  4.272   12.558  1.00 20.62 ? 963 ASN A CG   1 
ATOM   510 O OD1  . ASN A 1 76 ? -0.232  3.043   12.626  1.00 24.90 ? 963 ASN A OD1  1 
ATOM   511 N ND2  . ASN A 1 76 ? 0.378   5.013   13.503  1.00 22.06 ? 963 ASN A ND2  1 
ATOM   512 H H    . ASN A 1 76 ? 1.535   5.142   10.138  0.00 10.00 ? 963 ASN A H    1 
ATOM   513 H HD21 . ASN A 1 76 ? 0.706   4.523   14.293  0.00 0.00  ? 963 ASN A HD21 1 
ATOM   514 H HD22 . ASN A 1 76 ? 0.451   5.976   13.397  0.00 0.00  ? 963 ASN A HD22 1 
ATOM   515 N N    . LYS A 1 77 ? -1.061  5.713   8.189   1.00 15.34 ? 964 LYS A N    1 
ATOM   516 C CA   . LYS A 1 77 ? -1.938  6.128   7.101   1.00 16.38 ? 964 LYS A CA   1 
ATOM   517 C C    . LYS A 1 77 ? -1.987  5.006   6.070   1.00 16.37 ? 964 LYS A C    1 
ATOM   518 O O    . LYS A 1 77 ? -3.056  4.638   5.579   1.00 17.92 ? 964 LYS A O    1 
ATOM   519 C CB   . LYS A 1 77 ? -1.434  7.416   6.442   1.00 16.89 ? 964 LYS A CB   1 
ATOM   520 C CG   . LYS A 1 77 ? -2.378  7.953   5.375   1.00 20.93 ? 964 LYS A CG   1 
ATOM   521 C CD   . LYS A 1 77 ? -1.937  9.309   4.866   1.00 28.63 ? 964 LYS A CD   1 
ATOM   522 C CE   . LYS A 1 77 ? -3.078  10.322  4.912   1.00 31.73 ? 964 LYS A CE   1 
ATOM   523 N NZ   . LYS A 1 77 ? -4.261  9.932   4.091   1.00 33.69 ? 964 LYS A NZ   1 
ATOM   524 H H    . LYS A 1 77 ? -0.240  6.212   8.380   0.00 10.00 ? 964 LYS A H    1 
ATOM   525 H HZ1  . LYS A 1 77 ? -3.981  9.841   3.096   0.00 10.00 ? 964 LYS A HZ1  1 
ATOM   526 H HZ2  . LYS A 1 77 ? -4.658  9.034   4.434   0.00 10.00 ? 964 LYS A HZ2  1 
ATOM   527 H HZ3  . LYS A 1 77 ? -4.993  10.670  4.173   0.00 10.00 ? 964 LYS A HZ3  1 
ATOM   528 N N    . ILE A 1 78 ? -0.819  4.445   5.773   1.00 16.65 ? 965 ILE A N    1 
ATOM   529 C CA   . ILE A 1 78 ? -0.703  3.362   4.808   1.00 14.00 ? 965 ILE A CA   1 
ATOM   530 C C    . ILE A 1 78 ? -1.370  2.089   5.313   1.00 13.95 ? 965 ILE A C    1 
ATOM   531 O O    . ILE A 1 78 ? -2.152  1.470   4.592   1.00 15.38 ? 965 ILE A O    1 
ATOM   532 C CB   . ILE A 1 78 ? 0.771   3.106   4.449   1.00 12.06 ? 965 ILE A CB   1 
ATOM   533 C CG1  . ILE A 1 78 ? 1.295   4.274   3.611   1.00 10.00 ? 965 ILE A CG1  1 
ATOM   534 C CG2  . ILE A 1 78 ? 0.925   1.778   3.708   1.00 11.41 ? 965 ILE A CG2  1 
ATOM   535 C CD1  . ILE A 1 78 ? 2.786   4.304   3.468   1.00 10.00 ? 965 ILE A CD1  1 
ATOM   536 H H    . ILE A 1 78 ? -0.007  4.760   6.221   0.00 10.00 ? 965 ILE A H    1 
ATOM   537 N N    . LEU A 1 79 ? -1.088  1.717   6.556   1.00 13.46 ? 966 LEU A N    1 
ATOM   538 C CA   . LEU A 1 79 ? -1.683  0.520   7.136   1.00 15.13 ? 966 LEU A CA   1 
ATOM   539 C C    . LEU A 1 79 ? -3.211  0.618   7.235   1.00 15.31 ? 966 LEU A C    1 
ATOM   540 O O    . LEU A 1 79 ? -3.917  -0.358  6.963   1.00 13.98 ? 966 LEU A O    1 
ATOM   541 C CB   . LEU A 1 79 ? -1.055  0.214   8.498   1.00 15.28 ? 966 LEU A CB   1 
ATOM   542 C CG   . LEU A 1 79 ? 0.385   -0.308  8.404   1.00 14.45 ? 966 LEU A CG   1 
ATOM   543 C CD1  . LEU A 1 79 ? 1.055   -0.261  9.767   1.00 14.55 ? 966 LEU A CD1  1 
ATOM   544 C CD2  . LEU A 1 79 ? 0.392   -1.720  7.837   1.00 12.40 ? 966 LEU A CD2  1 
ATOM   545 H H    . LEU A 1 79 ? -0.473  2.252   7.094   0.00 10.00 ? 966 LEU A H    1 
ATOM   546 N N    . SER A 1 80 ? -3.719  1.796   7.589   1.00 15.58 ? 967 SER A N    1 
ATOM   547 C CA   . SER A 1 80 ? -5.159  2.002   7.686   1.00 15.48 ? 967 SER A CA   1 
ATOM   548 C C    . SER A 1 80 ? -5.791  1.846   6.311   1.00 16.18 ? 967 SER A C    1 
ATOM   549 O O    . SER A 1 80 ? -6.860  1.255   6.179   1.00 16.88 ? 967 SER A O    1 
ATOM   550 C CB   . SER A 1 80 ? -5.482  3.385   8.263   1.00 16.99 ? 967 SER A CB   1 
ATOM   551 O OG   . SER A 1 80 ? -5.250  3.423   9.660   1.00 19.67 ? 967 SER A OG   1 
ATOM   552 H H    . SER A 1 80 ? -3.131  2.544   7.812   0.00 10.00 ? 967 SER A H    1 
ATOM   553 H HG   . SER A 1 80 ? -5.360  4.325   9.970   0.00 10.00 ? 967 SER A HG   1 
ATOM   554 N N    . SER A 1 81 ? -5.110  2.358   5.290   1.00 16.46 ? 968 SER A N    1 
ATOM   555 C CA   . SER A 1 81 ? -5.589  2.279   3.914   1.00 17.49 ? 968 SER A CA   1 
ATOM   556 C C    . SER A 1 81 ? -5.635  0.817   3.473   1.00 18.08 ? 968 SER A C    1 
ATOM   557 O O    . SER A 1 81 ? -6.600  0.379   2.845   1.00 18.78 ? 968 SER A O    1 
ATOM   558 C CB   . SER A 1 81 ? -4.667  3.087   2.994   1.00 17.79 ? 968 SER A CB   1 
ATOM   559 O OG   . SER A 1 81 ? -5.176  3.166   1.673   1.00 16.89 ? 968 SER A OG   1 
ATOM   560 H H    . SER A 1 81 ? -4.256  2.811   5.460   0.00 10.00 ? 968 SER A H    1 
ATOM   561 H HG   . SER A 1 81 ? -6.020  3.619   1.721   0.00 10.00 ? 968 SER A HG   1 
ATOM   562 N N    . VAL A 1 82 ? -4.585  0.069   3.807   1.00 17.77 ? 969 VAL A N    1 
ATOM   563 C CA   . VAL A 1 82 ? -4.499  -1.349  3.480   1.00 16.32 ? 969 VAL A CA   1 
ATOM   564 C C    . VAL A 1 82 ? -5.710  -2.067  4.088   1.00 16.88 ? 969 VAL A C    1 
ATOM   565 O O    . VAL A 1 82 ? -6.386  -2.842  3.409   1.00 18.31 ? 969 VAL A O    1 
ATOM   566 C CB   . VAL A 1 82 ? -3.163  -1.964  4.008   1.00 15.01 ? 969 VAL A CB   1 
ATOM   567 C CG1  . VAL A 1 82 ? -3.236  -3.487  4.054   1.00 14.69 ? 969 VAL A CG1  1 
ATOM   568 C CG2  . VAL A 1 82 ? -2.004  -1.537  3.120   1.00 12.25 ? 969 VAL A CG2  1 
ATOM   569 H H    . VAL A 1 82 ? -3.840  0.485   4.290   0.00 10.00 ? 969 VAL A H    1 
ATOM   570 N N    . GLN A 1 83 ? -6.014  -1.764  5.348   1.00 17.34 ? 970 GLN A N    1 
ATOM   571 C CA   . GLN A 1 83 ? -7.151  -2.375  6.032   1.00 18.13 ? 970 GLN A CA   1 
ATOM   572 C C    . GLN A 1 83 ? -8.461  -2.102  5.287   1.00 19.00 ? 970 GLN A C    1 
ATOM   573 O O    . GLN A 1 83 ? -9.276  -3.010  5.103   1.00 19.59 ? 970 GLN A O    1 
ATOM   574 C CB   . GLN A 1 83 ? -7.251  -1.871  7.476   1.00 17.14 ? 970 GLN A CB   1 
ATOM   575 C CG   . GLN A 1 83 ? -6.061  -2.251  8.348   1.00 18.59 ? 970 GLN A CG   1 
ATOM   576 C CD   . GLN A 1 83 ? -6.160  -1.704  9.761   1.00 20.55 ? 970 GLN A CD   1 
ATOM   577 O OE1  . GLN A 1 83 ? -5.834  -2.391  10.721  1.00 23.07 ? 970 GLN A OE1  1 
ATOM   578 N NE2  . GLN A 1 83 ? -6.598  -0.461  9.893   1.00 21.52 ? 970 GLN A NE2  1 
ATOM   579 H H    . GLN A 1 83 ? -5.457  -1.111  5.822   0.00 10.00 ? 970 GLN A H    1 
ATOM   580 H HE21 . GLN A 1 83 ? -6.661  -0.123  10.811  0.00 10.00 ? 970 GLN A HE21 1 
ATOM   581 H HE22 . GLN A 1 83 ? -6.834  0.060   9.100   0.00 10.00 ? 970 GLN A HE22 1 
ATOM   582 N N    . ALA A 1 84 ? -8.635  -0.865  4.829   1.00 18.42 ? 971 ALA A N    1 
ATOM   583 C CA   . ALA A 1 84 ? -9.831  -0.459  4.093   1.00 18.65 ? 971 ALA A CA   1 
ATOM   584 C C    . ALA A 1 84 ? -9.925  -1.131  2.722   1.00 19.41 ? 971 ALA A C    1 
ATOM   585 O O    . ALA A 1 84 ? -11.014 -1.502  2.276   1.00 20.57 ? 971 ALA A O    1 
ATOM   586 C CB   . ALA A 1 84 ? -9.862  1.057   3.942   1.00 16.83 ? 971 ALA A CB   1 
ATOM   587 H H    . ALA A 1 84 ? -7.935  -0.198  4.996   0.00 10.00 ? 971 ALA A H    1 
ATOM   588 N N    . MET A 1 85 ? -8.789  -1.278  2.048   1.00 20.08 ? 972 MET A N    1 
ATOM   589 C CA   . MET A 1 85 ? -8.771  -1.905  0.736   1.00 20.97 ? 972 MET A CA   1 
ATOM   590 C C    . MET A 1 85 ? -9.081  -3.387  0.841   1.00 23.17 ? 972 MET A C    1 
ATOM   591 O O    . MET A 1 85 ? -9.723  -3.950  -0.043  1.00 22.87 ? 972 MET A O    1 
ATOM   592 C CB   . MET A 1 85 ? -7.432  -1.702  0.038   1.00 23.16 ? 972 MET A CB   1 
ATOM   593 C CG   . MET A 1 85 ? -7.208  -0.287  -0.462  1.00 25.68 ? 972 MET A CG   1 
ATOM   594 S SD   . MET A 1 85 ? -5.839  -0.222  -1.628  1.00 29.72 ? 972 MET A SD   1 
ATOM   595 C CE   . MET A 1 85 ? -4.443  -0.666  -0.557  1.00 28.75 ? 972 MET A CE   1 
ATOM   596 H H    . MET A 1 85 ? -7.953  -0.968  2.455   0.00 10.00 ? 972 MET A H    1 
ATOM   597 N N    . ARG A 1 86 ? -8.623  -4.018  1.920   1.00 22.37 ? 973 ARG A N    1 
ATOM   598 C CA   . ARG A 1 86 ? -8.883  -5.436  2.140   1.00 22.73 ? 973 ARG A CA   1 
ATOM   599 C C    . ARG A 1 86 ? -10.380 -5.650  2.367   1.00 24.33 ? 973 ARG A C    1 
ATOM   600 O O    . ARG A 1 86 ? -10.983 -6.534  1.752   1.00 22.76 ? 973 ARG A O    1 
ATOM   601 C CB   . ARG A 1 86 ? -8.082  -5.953  3.336   1.00 19.60 ? 973 ARG A CB   1 
ATOM   602 C CG   . ARG A 1 86 ? -6.613  -6.124  3.051   1.00 18.92 ? 973 ARG A CG   1 
ATOM   603 C CD   . ARG A 1 86 ? -5.856  -6.501  4.301   1.00 19.57 ? 973 ARG A CD   1 
ATOM   604 N NE   . ARG A 1 86 ? -6.436  -7.675  4.945   1.00 23.42 ? 973 ARG A NE   1 
ATOM   605 C CZ   . ARG A 1 86 ? -5.946  -8.906  4.846   1.00 22.59 ? 973 ARG A CZ   1 
ATOM   606 N NH1  . ARG A 1 86 ? -4.854  -9.141  4.127   1.00 23.50 ? 973 ARG A NH1  1 
ATOM   607 N NH2  . ARG A 1 86 ? -6.563  -9.908  5.455   1.00 22.09 ? 973 ARG A NH2  1 
ATOM   608 H H    . ARG A 1 86 ? -8.090  -3.524  2.580   0.00 10.00 ? 973 ARG A H    1 
ATOM   609 H HE   . ARG A 1 86 ? -7.236  -7.550  5.495   0.00 10.00 ? 973 ARG A HE   1 
ATOM   610 H HH11 . ARG A 1 86 ? -4.385  -8.396  3.657   0.00 0.00  ? 973 ARG A HH11 1 
ATOM   611 H HH12 . ARG A 1 86 ? -4.490  -10.072 4.074   0.00 0.00  ? 973 ARG A HH12 1 
ATOM   612 H HH21 . ARG A 1 86 ? -7.390  -9.732  5.993   0.00 0.00  ? 973 ARG A HH21 1 
ATOM   613 H HH22 . ARG A 1 86 ? -6.193  -10.836 5.400   0.00 0.00  ? 973 ARG A HH22 1 
ATOM   614 N N    . THR A 1 87 ? -10.975 -4.821  3.227   1.00 26.94 ? 974 THR A N    1 
ATOM   615 C CA   . THR A 1 87 ? -12.405 -4.898  3.520   1.00 31.31 ? 974 THR A CA   1 
ATOM   616 C C    . THR A 1 87 ? -13.221 -4.648  2.245   1.00 35.46 ? 974 THR A C    1 
ATOM   617 O O    . THR A 1 87 ? -14.255 -5.283  2.025   1.00 36.00 ? 974 THR A O    1 
ATOM   618 C CB   . THR A 1 87 ? -12.815 -3.866  4.581   1.00 30.78 ? 974 THR A CB   1 
ATOM   619 O OG1  . THR A 1 87 ? -11.981 -4.016  5.734   1.00 31.97 ? 974 THR A OG1  1 
ATOM   620 C CG2  . THR A 1 87 ? -14.265 -4.068  4.993   1.00 32.02 ? 974 THR A CG2  1 
ATOM   621 H H    . THR A 1 87 ? -10.456 -4.130  3.695   0.00 10.00 ? 974 THR A H    1 
ATOM   622 H HG1  . THR A 1 87 ? -12.099 -4.891  6.107   0.00 10.00 ? 974 THR A HG1  1 
ATOM   623 N N    . GLN A 1 88 ? -12.726 -3.749  1.395   1.00 39.13 ? 975 GLN A N    1 
ATOM   624 C CA   . GLN A 1 88 ? -13.386 -3.420  0.135   1.00 42.57 ? 975 GLN A CA   1 
ATOM   625 C C    . GLN A 1 88 ? -13.339 -4.618  -0.817  1.00 42.58 ? 975 GLN A C    1 
ATOM   626 O O    . GLN A 1 88 ? -14.287 -4.872  -1.563  1.00 43.50 ? 975 GLN A O    1 
ATOM   627 C CB   . GLN A 1 88 ? -12.699 -2.217  -0.518  1.00 45.95 ? 975 GLN A CB   1 
ATOM   628 C CG   . GLN A 1 88 ? -13.483 -1.613  -1.677  1.00 51.94 ? 975 GLN A CG   1 
ATOM   629 C CD   . GLN A 1 88 ? -12.650 -0.686  -2.546  1.00 54.33 ? 975 GLN A CD   1 
ATOM   630 O OE1  . GLN A 1 88 ? -11.768 0.029   -2.058  1.00 54.56 ? 975 GLN A OE1  1 
ATOM   631 N NE2  . GLN A 1 88 ? -12.927 -0.696  -3.846  1.00 55.74 ? 975 GLN A NE2  1 
ATOM   632 H H    . GLN A 1 88 ? -11.900 -3.268  1.623   0.00 10.00 ? 975 GLN A H    1 
ATOM   633 H HE21 . GLN A 1 88 ? -12.433 -0.103  -4.443  0.00 10.00 ? 975 GLN A HE21 1 
ATOM   634 H HE22 . GLN A 1 88 ? -13.635 -1.296  -4.161  0.00 10.00 ? 975 GLN A HE22 1 
ATOM   635 N N    . MET A 1 89 ? -12.231 -5.352  -0.779  1.00 42.59 ? 976 MET A N    1 
ATOM   636 C CA   . MET A 1 89 ? -12.049 -6.524  -1.629  1.00 42.79 ? 976 MET A CA   1 
ATOM   637 C C    . MET A 1 89 ? -12.870 -7.729  -1.169  1.00 43.71 ? 976 MET A C    1 
ATOM   638 O O    . MET A 1 89 ? -13.140 -8.634  -1.959  1.00 44.60 ? 976 MET A O    1 
ATOM   639 C CB   . MET A 1 89 ? -10.571 -6.892  -1.726  1.00 41.79 ? 976 MET A CB   1 
ATOM   640 C CG   . MET A 1 89 ? -9.705  -5.792  -2.307  1.00 42.17 ? 976 MET A CG   1 
ATOM   641 S SD   . MET A 1 89 ? -10.259 -5.241  -3.924  1.00 44.85 ? 976 MET A SD   1 
ATOM   642 C CE   . MET A 1 89 ? -10.613 -3.518  -3.619  1.00 42.12 ? 976 MET A CE   1 
ATOM   643 H H    . MET A 1 89 ? -11.512 -5.083  -0.167  0.00 10.00 ? 976 MET A H    1 
ATOM   644 N N    . GLN A 1 90 ? -13.240 -7.764  0.110   1.00 43.94 ? 977 GLN A N    1 
ATOM   645 C CA   . GLN A 1 90 ? -14.059 -8.858  0.629   1.00 45.08 ? 977 GLN A CA   1 
ATOM   646 C C    . GLN A 1 90 ? -15.448 -8.729  0.025   1.00 45.82 ? 977 GLN A C    1 
ATOM   647 O O    . GLN A 1 90 ? -16.114 -9.723  -0.257  1.00 45.80 ? 977 GLN A O    1 
ATOM   648 C CB   . GLN A 1 90 ? -14.192 -8.782  2.150   1.00 46.20 ? 977 GLN A CB   1 
ATOM   649 C CG   . GLN A 1 90 ? -12.941 -9.102  2.920   1.00 49.33 ? 977 GLN A CG   1 
ATOM   650 C CD   . GLN A 1 90 ? -13.244 -9.466  4.358   1.00 52.53 ? 977 GLN A CD   1 
ATOM   651 O OE1  . GLN A 1 90 ? -13.815 -10.526 4.631   1.00 52.71 ? 977 GLN A OE1  1 
ATOM   652 N NE2  . GLN A 1 90 ? -12.864 -8.595  5.286   1.00 53.68 ? 977 GLN A NE2  1 
ATOM   653 H H    . GLN A 1 90 ? -12.968 -7.038  0.713   0.00 10.00 ? 977 GLN A H    1 
ATOM   654 H HE21 . GLN A 1 90 ? -13.069 -8.841  6.214   0.00 10.00 ? 977 GLN A HE21 1 
ATOM   655 H HE22 . GLN A 1 90 ? -12.412 -7.772  5.013   0.00 10.00 ? 977 GLN A HE22 1 
ATOM   656 N N    . GLN A 1 91 ? -15.860 -7.481  -0.172  1.00 47.73 ? 978 GLN A N    1 
ATOM   657 C CA   . GLN A 1 91 ? -17.158 -7.136  -0.734  1.00 48.95 ? 978 GLN A CA   1 
ATOM   658 C C    . GLN A 1 91 ? -17.195 -7.351  -2.249  1.00 49.37 ? 978 GLN A C    1 
ATOM   659 O O    . GLN A 1 91 ? -18.252 -7.249  -2.873  1.00 51.47 ? 978 GLN A O    1 
ATOM   660 C CB   . GLN A 1 91 ? -17.481 -5.682  -0.383  1.00 50.40 ? 978 GLN A CB   1 
ATOM   661 C CG   . GLN A 1 91 ? -17.418 -5.404  1.122   1.00 51.80 ? 978 GLN A CG   1 
ATOM   662 C CD   . GLN A 1 91 ? -17.325 -3.922  1.468   1.00 54.30 ? 978 GLN A CD   1 
ATOM   663 O OE1  . GLN A 1 91 ? -17.521 -3.535  2.622   1.00 53.56 ? 978 GLN A OE1  1 
ATOM   664 N NE2  . GLN A 1 91 ? -16.998 -3.091  0.481   1.00 54.22 ? 978 GLN A NE2  1 
ATOM   665 H H    . GLN A 1 91 ? -15.267 -6.745  0.088   0.00 10.00 ? 978 GLN A H    1 
ATOM   666 H HE21 . GLN A 1 91 ? -16.969 -2.146  0.741   0.00 10.00 ? 978 GLN A HE21 1 
ATOM   667 H HE22 . GLN A 1 91 ? -16.810 -3.411  -0.422  0.00 10.00 ? 978 GLN A HE22 1 
ATOM   668 N N    . MET A 1 92 ? -16.043 -7.678  -2.827  1.00 49.20 ? 979 MET A N    1 
ATOM   669 C CA   . MET A 1 92 ? -15.933 -7.926  -4.261  1.00 49.49 ? 979 MET A CA   1 
ATOM   670 C C    . MET A 1 92 ? -16.300 -9.381  -4.575  1.00 48.66 ? 979 MET A C    1 
ATOM   671 O O    . MET A 1 92 ? -16.061 -9.862  -5.683  1.00 48.62 ? 979 MET A O    1 
ATOM   672 C CB   . MET A 1 92 ? -14.502 -7.646  -4.738  1.00 50.98 ? 979 MET A CB   1 
ATOM   673 C CG   . MET A 1 92 ? -14.377 -7.205  -6.194  1.00 52.98 ? 979 MET A CG   1 
ATOM   674 S SD   . MET A 1 92 ? -15.018 -5.539  -6.482  1.00 56.67 ? 979 MET A SD   1 
ATOM   675 C CE   . MET A 1 92 ? -14.271 -4.615  -5.107  1.00 55.34 ? 979 MET A CE   1 
ATOM   676 H H    . MET A 1 92 ? -15.233 -7.751  -2.289  0.00 10.00 ? 979 MET A H    1 
ATOM   677 N N    . HIS A 1 93 ? -16.835 -10.091 -3.582  1.00 46.50 ? 980 HIS A N    1 
ATOM   678 C CA   . HIS A 1 93 ? -17.231 -11.477 -3.770  1.00 44.17 ? 980 HIS A CA   1 
ATOM   679 C C    . HIS A 1 93 ? -18.131 -12.022 -2.662  1.00 45.06 ? 980 HIS A C    1 
ATOM   680 O O    . HIS A 1 93 ? -17.752 -12.932 -1.924  1.00 46.18 ? 980 HIS A O    1 
ATOM   681 C CB   . HIS A 1 93 ? -16.009 -12.380 -3.970  1.00 39.73 ? 980 HIS A CB   1 
ATOM   682 C CG   . HIS A 1 93 ? -15.067 -12.405 -2.811  1.00 37.33 ? 980 HIS A CG   1 
ATOM   683 N ND1  . HIS A 1 93 ? -15.255 -13.212 -1.708  1.00 34.47 ? 980 HIS A ND1  1 
ATOM   684 C CD2  . HIS A 1 93 ? -13.898 -11.754 -2.598  1.00 34.61 ? 980 HIS A CD2  1 
ATOM   685 C CE1  . HIS A 1 93 ? -14.246 -13.063 -0.874  1.00 30.99 ? 980 HIS A CE1  1 
ATOM   686 N NE2  . HIS A 1 93 ? -13.408 -12.184 -1.392  1.00 32.54 ? 980 HIS A NE2  1 
ATOM   687 H H    . HIS A 1 93 ? -16.970 -9.704  -2.692  0.00 10.00 ? 980 HIS A H    1 
ATOM   688 H HD1  . HIS A 1 93 ? -16.068 -13.743 -1.539  0.00 10.00 ? 980 HIS A HD1  1 
ATOM   689 H HE2  . HIS A 1 93 ? -12.520 -11.935 -1.090  0.00 10.00 ? 980 HIS A HE2  1 
ATOM   690 N N    . GLY A 1 94 ? -19.312 -11.428 -2.533  1.00 46.12 ? 981 GLY A N    1 
ATOM   691 C CA   . GLY A 1 94 ? -20.274 -11.876 -1.538  1.00 46.12 ? 981 GLY A CA   1 
ATOM   692 C C    . GLY A 1 94 ? -21.168 -12.958 -2.124  1.00 46.17 ? 981 GLY A C    1 
ATOM   693 O O    . GLY A 1 94 ? -22.074 -13.446 -1.416  1.00 45.93 ? 981 GLY A O    1 
ATOM   694 O OXT  . GLY A 1 94 ? -20.966 -13.321 -3.306  1.00 47.24 ? 981 GLY A OXT  1 
ATOM   695 H H    . GLY A 1 94 ? -19.555 -10.692 -3.112  0.00 10.00 ? 981 GLY A H    1 
HETATM 696 O O    . HOH B 2 .  ? 3.278   12.214  -0.272  1.00 13.76 ? 1   HOH A O    1 
HETATM 697 O O    . HOH B 2 .  ? -0.289  7.800   13.527  1.00 10.67 ? 2   HOH A O    1 
HETATM 698 O O    . HOH B 2 .  ? 13.420  -3.365  9.698   1.00 22.41 ? 3   HOH A O    1 
HETATM 699 O O    . HOH B 2 .  ? 3.525   14.616  7.216   1.00 26.01 ? 4   HOH A O    1 
HETATM 700 O O    . HOH B 2 .  ? 5.525   -5.753  11.974  1.00 21.06 ? 5   HOH A O    1 
HETATM 701 O O    . HOH B 2 .  ? 8.355   -8.057  -2.576  1.00 23.85 ? 6   HOH A O    1 
HETATM 702 O O    . HOH B 2 .  ? -9.243  1.474   7.884   1.00 23.14 ? 7   HOH A O    1 
HETATM 703 O O    . HOH B 2 .  ? 1.876   -4.590  11.321  1.00 20.96 ? 8   HOH A O    1 
HETATM 704 O O    . HOH B 2 .  ? -1.515  -2.941  -8.853  1.00 24.79 ? 9   HOH A O    1 
HETATM 705 O O    . HOH B 2 .  ? 1.847   10.849  -7.930  1.00 26.34 ? 10  HOH A O    1 
HETATM 706 O O    . HOH B 2 .  ? 5.586   1.554   16.406  1.00 32.92 ? 12  HOH A O    1 
HETATM 707 O O    . HOH B 2 .  ? -2.439  -6.425  -7.536  1.00 30.68 ? 13  HOH A O    1 
HETATM 708 O O    . HOH B 2 .  ? 14.826  -5.589  -0.318  1.00 32.28 ? 14  HOH A O    1 
HETATM 709 O O    . HOH B 2 .  ? 12.802  6.949   2.576   1.00 43.59 ? 15  HOH A O    1 
HETATM 710 O O    . HOH B 2 .  ? -3.074  12.345  7.895   1.00 34.88 ? 16  HOH A O    1 
HETATM 711 O O    . HOH B 2 .  ? 4.558   3.795   -8.348  1.00 24.01 ? 18  HOH A O    1 
HETATM 712 O O    . HOH B 2 .  ? 2.882   1.709   15.511  1.00 37.49 ? 19  HOH A O    1 
HETATM 713 O O    . HOH B 2 .  ? 8.494   12.352  4.771   1.00 38.34 ? 20  HOH A O    1 
HETATM 714 O O    . HOH B 2 .  ? 13.946  -3.553  -7.250  1.00 32.30 ? 21  HOH A O    1 
HETATM 715 O O    . HOH B 2 .  ? 9.964   -9.921  2.735   1.00 37.02 ? 22  HOH A O    1 
HETATM 716 O O    . HOH B 2 .  ? 5.250   10.039  12.818  1.00 24.03 ? 23  HOH A O    1 
HETATM 717 O O    . HOH B 2 .  ? 11.295  -0.657  12.827  1.00 39.59 ? 24  HOH A O    1 
HETATM 718 O O    . HOH B 2 .  ? 12.897  8.541   -4.273  1.00 39.58 ? 25  HOH A O    1 
HETATM 719 O O    . HOH B 2 .  ? 5.575   -8.372  2.439   1.00 19.84 ? 26  HOH A O    1 
HETATM 720 O O    . HOH B 2 .  ? 0.953   14.390  6.290   1.00 54.40 ? 27  HOH A O    1 
HETATM 721 O O    . HOH B 2 .  ? -9.531  -8.503  5.873   1.00 31.59 ? 28  HOH A O    1 
HETATM 722 O O    . HOH B 2 .  ? 1.179   -1.290  -9.807  1.00 29.47 ? 29  HOH A O    1 
HETATM 723 O O    . HOH B 2 .  ? 9.330   8.453   -4.367  1.00 22.32 ? 30  HOH A O    1 
HETATM 724 O O    . HOH B 2 .  ? 10.308  -6.792  6.798   1.00 25.88 ? 31  HOH A O    1 
HETATM 725 O O    . HOH B 2 .  ? -12.105 -1.913  7.354   1.00 34.94 ? 32  HOH A O    1 
HETATM 726 O O    . HOH B 2 .  ? 5.284   0.791   -7.259  1.00 31.14 ? 33  HOH A O    1 
HETATM 727 O O    . HOH B 2 .  ? 11.941  8.526   -1.063  1.00 36.35 ? 35  HOH A O    1 
HETATM 728 O O    . HOH B 2 .  ? 15.921  8.759   -2.785  1.00 32.50 ? 36  HOH A O    1 
HETATM 729 O O    . HOH B 2 .  ? -5.662  -2.928  -14.740 1.00 58.18 ? 37  HOH A O    1 
HETATM 730 O O    . HOH B 2 .  ? -8.046  3.595   1.317   1.00 38.02 ? 38  HOH A O    1 
HETATM 731 O O    . HOH B 2 .  ? 4.926   -9.443  5.931   1.00 22.13 ? 39  HOH A O    1 
HETATM 732 O O    . HOH B 2 .  ? -4.603  14.662  3.734   1.00 40.04 ? 40  HOH A O    1 
HETATM 733 O O    . HOH B 2 .  ? 4.365   0.251   -9.898  1.00 41.45 ? 41  HOH A O    1 
HETATM 734 O O    . HOH B 2 .  ? 5.527   -8.481  -5.926  1.00 46.62 ? 42  HOH A O    1 
HETATM 735 O O    . HOH B 2 .  ? 9.036   -2.837  12.955  1.00 38.14 ? 43  HOH A O    1 
HETATM 736 O O    . HOH B 2 .  ? 6.918   15.419  -0.831  1.00 43.87 ? 44  HOH A O    1 
HETATM 737 O O    . HOH B 2 .  ? -5.655  5.922   5.197   1.00 32.81 ? 45  HOH A O    1 
HETATM 738 O O    . HOH B 2 .  ? 3.682   -8.915  0.617   1.00 26.43 ? 46  HOH A O    1 
HETATM 739 O O    . HOH B 2 .  ? -8.325  4.708   5.117   1.00 27.69 ? 47  HOH A O    1 
HETATM 740 O O    . HOH B 2 .  ? 7.477   -5.633  16.105  1.00 41.77 ? 48  HOH A O    1 
HETATM 741 O O    . HOH B 2 .  ? 8.230   15.282  1.674   1.00 38.06 ? 49  HOH A O    1 
HETATM 742 O O    . HOH B 2 .  ? -8.084  -3.944  12.489  1.00 58.77 ? 50  HOH A O    1 
HETATM 743 O O    . HOH B 2 .  ? 1.032   -0.374  -12.742 1.00 46.99 ? 51  HOH A O    1 
HETATM 744 O O    . HOH B 2 .  ? -20.310 0.070   1.198   1.00 41.45 ? 53  HOH A O    1 
HETATM 745 O O    . HOH B 2 .  ? 12.567  -7.563  -4.319  1.00 28.69 ? 54  HOH A O    1 
HETATM 746 O O    . HOH B 2 .  ? -2.070  -5.258  -10.254 1.00 40.75 ? 55  HOH A O    1 
HETATM 747 O O    . HOH B 2 .  ? -18.375 -11.232 1.294   1.00 41.46 ? 56  HOH A O    1 
HETATM 748 O O    . HOH B 2 .  ? 12.353  -6.320  13.434  1.00 26.82 ? 57  HOH A O    1 
# 
